data_7N88
#
_entry.id   7N88
#
_cell.length_a   1.00
_cell.length_b   1.00
_cell.length_c   1.00
_cell.angle_alpha   90.00
_cell.angle_beta   90.00
_cell.angle_gamma   90.00
#
_symmetry.space_group_name_H-M   'P 1'
#
loop_
_entity.id
_entity.type
_entity.pdbx_description
1 polymer 'Lactoferrin-binding protein B'
2 polymer Lactotransferrin
3 non-polymer 'FE (III) ION'
4 non-polymer 'BICARBONATE ION'
#
loop_
_entity_poly.entity_id
_entity_poly.type
_entity_poly.pdbx_seq_one_letter_code
_entity_poly.pdbx_strand_id
1 'polypeptide(L)'
;GAMGGNFGVQPVVESTPTAYPVTFKSKDVPTSPPPAEPSVETTPVNRPAVGAAMRLLRRNTAFHREDGTAIPDSKQAEEK
LSFKEGDVLFLYGSKGNKLQQLKSEIHKRDSDVEIRTSEKENKKYGYEFVDAGYVYTKNGKDEIEQNSGGKRFTHRFGYD
GFVYYSGERPSQSLPSAGTVKYFGNWQYMTDAKRHRTGKAVASDDLGYITFYGNDIGATSYAAKDADDREKHPAEYTVDF
DKKILKGELIKNQYVQKKNDPKKPLTIYNITADLNGNRFTGSAKVNTEVKTRHADKEYLFFHTDADQRLEGGFFGDNGEE
LAGRFISNDNGVFGVFAGKQKTNASGTNPAMPFGKHTKILDSLKISVDEATDENPRPFEVSTMPDFGHPDKLLVEGREIP
LVSKEKTIDLADGRKMTVSACCDFLTYVKLGRIKTERPAVKPKAQDEEDSGINNGEESEDEEEIAEESEDEVSEDDNGED
EDEIVEEEADEAEEIEEEAEEEEPEEESPEEGNGVSDGIPPAPEALKGRDIDLFLKGIRTAEADIPKTGTAHYTGTWEAR
IGEPIQWDNKADKAAKAEFDVDFGNKSISGTLTEQNGVEPAFRIENGVIEGNGFHATARTRDNGINLSGNGSTNPQSFKA
DNLLVTGGFYGPQAAELGGTIFNKDGKSLGITEDIENEVENEADVGEQLEPEVKPQFGVVFGAKKDNKEVEK
;
A
2 'polypeptide(L)'
;GRRRSVQWCAVSQPEATKCFQWQRNMRKVRGPPVSCIKRDSPIQCIQAIAENRADAVTLDGGFIYEAGLAPYKLRPVAAE
VYGTERQPRTHYYAVAVVKKGGSFQLNELQGLKSCHTGLRRTAGWNVPIGTLRPFLNWTGPPEPIEAAVARFFSASCVPG
ADKGQFPNLCRLCAGTGENKCAFSSQEPYFSYSGAFKCLRDGAGDVAFIRESTVFEDLSDEAERDEYELLCPDNTRKPVD
KFKDCHLARVPSHAVVARSVNGKEDAIWNLLRQAQEKFGKDKSPKFQLFGSPSGQKDLLFKDSAIGFSRVPPRIDSGLYL
GSGYFTAIQNLRKSEEEVAARRARVVWCAVGEQELRKCNQWSGLSEGSVTCSSASTTEDCIALVLKGEADAMSLDGGYVY
TAGKCGLVPVLAENYKSQQSSDPDPNCVDRPVEGYLAVAVVRRSDTSLTWNSVKGKKSCHTAVDRTAGWNIPMGLLFNQT
GSCKFDEYFSQSCAPGSDPRSNLCALCIGDEQGENKCVPNSNERYYGYTGAFRCLAENAGDVAFVKDVTVLQNTDGNNNE
AWAKDLKLADFALLCLDGKRKPVTEARSCHLAMAPNHAVVSRMDKVERLKQVLLHQQAKFGRNGSDCPDKFCLFQSETKN
LLFNDNTECLARLHGKTTYEKYLGPQYVAGITNLKKCSTSPLLEACEFLRK
;
B
#
loop_
_chem_comp.id
_chem_comp.type
_chem_comp.name
_chem_comp.formula
BCT non-polymer 'BICARBONATE ION' 'C H O3 -1'
FE non-polymer 'FE (III) ION' 'Fe 3'
#
# COMPACT_ATOMS: atom_id res chain seq x y z
N VAL A 45 29.76 -12.64 15.27
CA VAL A 45 28.34 -12.45 15.04
C VAL A 45 27.59 -12.49 16.37
N ASN A 46 28.37 -12.54 17.44
CA ASN A 46 27.83 -12.53 18.80
C ASN A 46 28.49 -11.42 19.62
N ARG A 47 28.55 -10.23 19.03
CA ARG A 47 28.91 -9.01 19.75
C ARG A 47 27.61 -8.32 20.14
N PRO A 48 27.11 -8.57 21.35
CA PRO A 48 25.73 -8.20 21.68
C PRO A 48 25.53 -6.69 21.76
N ALA A 49 24.26 -6.29 21.71
CA ALA A 49 23.91 -4.87 21.74
C ALA A 49 22.44 -4.71 22.12
N VAL A 50 21.95 -3.49 21.97
CA VAL A 50 20.64 -3.12 22.50
C VAL A 50 19.51 -3.53 21.55
N GLY A 51 19.77 -3.58 20.26
CA GLY A 51 18.69 -3.91 19.34
C GLY A 51 19.17 -4.22 17.94
N ALA A 52 18.70 -5.33 17.41
CA ALA A 52 19.10 -5.76 16.07
C ALA A 52 17.88 -5.83 15.17
N ALA A 53 18.15 -5.96 13.88
CA ALA A 53 17.10 -6.09 12.89
C ALA A 53 17.67 -6.57 11.57
N MET A 54 17.14 -7.66 11.06
CA MET A 54 17.54 -8.09 9.73
C MET A 54 16.53 -7.58 8.72
N ARG A 55 17.01 -7.27 7.53
CA ARG A 55 16.18 -6.75 6.45
C ARG A 55 15.85 -7.86 5.49
N LEU A 56 14.61 -7.83 4.99
CA LEU A 56 14.08 -8.91 4.16
C LEU A 56 15.00 -9.15 2.97
N LEU A 57 14.88 -10.32 2.36
CA LEU A 57 15.91 -10.80 1.44
C LEU A 57 15.31 -10.88 0.04
N ARG A 58 15.35 -9.77 -0.69
CA ARG A 58 14.72 -9.70 -2.00
C ARG A 58 15.64 -10.31 -3.05
N ARG A 59 15.15 -11.33 -3.73
CA ARG A 59 15.97 -12.13 -4.63
C ARG A 59 15.82 -11.67 -6.07
N ASN A 60 16.94 -11.62 -6.79
CA ASN A 60 17.01 -11.10 -8.15
C ASN A 60 16.36 -12.06 -9.13
N THR A 61 15.09 -11.84 -9.45
CA THR A 61 14.27 -12.75 -10.26
C THR A 61 14.05 -12.26 -11.67
N ALA A 62 15.05 -11.66 -12.31
CA ALA A 62 14.92 -11.12 -13.66
C ALA A 62 15.62 -12.07 -14.62
N PHE A 63 14.85 -12.71 -15.48
CA PHE A 63 15.41 -13.76 -16.33
C PHE A 63 16.49 -13.21 -17.25
N HIS A 64 16.11 -12.30 -18.14
CA HIS A 64 16.96 -11.98 -19.28
C HIS A 64 18.32 -11.50 -18.82
N ARG A 65 19.34 -11.82 -19.60
CA ARG A 65 20.72 -11.54 -19.25
C ARG A 65 20.92 -10.03 -19.06
N GLU A 66 21.99 -9.68 -18.31
CA GLU A 66 22.37 -8.29 -18.19
C GLU A 66 22.46 -7.64 -19.56
N ASP A 67 23.36 -8.15 -20.40
CA ASP A 67 23.44 -7.78 -21.82
C ASP A 67 23.68 -9.09 -22.58
N GLY A 68 22.58 -9.73 -22.97
CA GLY A 68 22.65 -11.02 -23.64
C GLY A 68 21.28 -11.62 -23.74
N THR A 69 21.14 -12.91 -23.40
CA THR A 69 19.84 -13.61 -23.47
C THR A 69 19.71 -14.61 -22.32
N ALA A 70 19.01 -14.19 -21.26
CA ALA A 70 18.28 -15.17 -20.45
C ALA A 70 19.16 -16.27 -19.88
N ILE A 71 19.91 -15.99 -18.81
CA ILE A 71 21.10 -16.74 -18.40
C ILE A 71 20.98 -18.20 -18.79
N PRO A 72 21.94 -18.72 -19.60
CA PRO A 72 21.59 -19.63 -20.70
C PRO A 72 20.53 -20.69 -20.44
N ASP A 73 20.74 -21.57 -19.46
CA ASP A 73 19.70 -22.54 -19.15
C ASP A 73 18.68 -21.87 -18.25
N SER A 74 17.40 -22.18 -18.47
CA SER A 74 16.33 -21.38 -17.90
C SER A 74 16.47 -21.27 -16.39
N LYS A 75 16.87 -20.09 -15.94
CA LYS A 75 17.12 -19.83 -14.52
C LYS A 75 16.77 -18.37 -14.28
N GLN A 76 17.09 -17.88 -13.10
CA GLN A 76 17.09 -16.44 -12.86
C GLN A 76 18.51 -16.04 -12.57
N ALA A 77 18.73 -14.79 -12.19
CA ALA A 77 20.10 -14.40 -11.91
C ALA A 77 20.54 -14.96 -10.58
N GLU A 78 19.92 -14.54 -9.48
CA GLU A 78 20.28 -15.02 -8.15
C GLU A 78 19.34 -16.12 -7.68
N GLU A 79 19.66 -17.38 -7.96
CA GLU A 79 18.74 -18.48 -7.70
C GLU A 79 18.87 -19.03 -6.29
N LYS A 80 19.39 -18.24 -5.37
CA LYS A 80 19.48 -18.55 -3.95
C LYS A 80 20.03 -17.30 -3.28
N LEU A 81 19.73 -17.14 -2.00
CA LEU A 81 20.36 -16.07 -1.26
C LEU A 81 20.35 -16.45 0.21
N SER A 82 21.52 -16.74 0.76
CA SER A 82 21.65 -16.83 2.21
C SER A 82 22.00 -15.45 2.75
N PHE A 83 21.95 -15.33 4.07
CA PHE A 83 22.19 -14.04 4.70
C PHE A 83 23.68 -13.71 4.65
N LYS A 84 24.02 -12.59 5.28
CA LYS A 84 25.41 -12.15 5.41
C LYS A 84 25.56 -11.62 6.83
N GLU A 85 26.66 -10.91 7.09
CA GLU A 85 26.89 -10.43 8.45
C GLU A 85 27.31 -8.97 8.46
N GLY A 86 26.90 -8.21 7.45
CA GLY A 86 26.97 -6.77 7.48
C GLY A 86 25.57 -6.21 7.48
N ASP A 87 24.66 -6.94 8.09
CA ASP A 87 23.24 -6.65 8.02
C ASP A 87 22.56 -6.50 9.37
N VAL A 88 23.15 -6.99 10.44
CA VAL A 88 22.53 -6.84 11.74
C VAL A 88 22.54 -5.35 12.04
N LEU A 89 21.38 -4.72 11.91
CA LEU A 89 21.29 -3.26 11.87
C LEU A 89 21.12 -2.75 13.29
N PHE A 90 22.25 -2.67 14.01
CA PHE A 90 22.23 -2.26 15.40
C PHE A 90 21.46 -0.96 15.56
N LEU A 91 20.78 -0.82 16.68
CA LEU A 91 19.93 0.33 16.93
C LEU A 91 20.36 1.01 18.23
N TYR A 92 19.71 2.13 18.55
CA TYR A 92 20.06 2.88 19.75
C TYR A 92 18.95 3.85 20.10
N GLY A 93 18.81 4.09 21.40
CA GLY A 93 17.88 5.09 21.90
C GLY A 93 16.63 4.50 22.53
N SER A 94 15.49 5.13 22.27
CA SER A 94 14.21 4.62 22.73
C SER A 94 13.66 3.60 21.73
N LYS A 95 12.89 2.64 22.25
CA LYS A 95 12.25 1.66 21.40
C LYS A 95 11.54 2.32 20.22
N GLY A 96 10.79 3.40 20.51
CA GLY A 96 10.16 4.14 19.44
C GLY A 96 11.15 4.67 18.43
N ASN A 97 12.33 5.11 18.90
CA ASN A 97 13.34 5.61 17.99
C ASN A 97 13.91 4.49 17.12
N LYS A 98 14.07 3.30 17.69
CA LYS A 98 14.55 2.16 16.91
C LYS A 98 13.54 1.79 15.83
N LEU A 99 12.29 1.61 16.24
CA LEU A 99 11.22 1.35 15.29
C LEU A 99 11.18 2.42 14.22
N GLN A 100 11.38 3.68 14.60
CA GLN A 100 11.30 4.77 13.65
C GLN A 100 12.50 4.79 12.71
N GLN A 101 13.66 4.30 13.17
CA GLN A 101 14.78 4.16 12.26
C GLN A 101 14.48 3.12 11.17
N LEU A 102 13.90 1.98 11.57
CA LEU A 102 13.47 1.02 10.57
C LEU A 102 12.45 1.64 9.62
N LYS A 103 11.44 2.29 10.18
CA LYS A 103 10.42 2.95 9.40
C LYS A 103 11.03 3.91 8.39
N SER A 104 11.97 4.73 8.84
CA SER A 104 12.59 5.71 7.96
C SER A 104 13.47 5.07 6.90
N GLU A 105 14.03 3.89 7.15
CA GLU A 105 14.74 3.20 6.07
C GLU A 105 13.77 2.75 4.99
N ILE A 106 12.65 2.14 5.39
CA ILE A 106 11.67 1.75 4.39
C ILE A 106 11.15 2.97 3.66
N HIS A 107 10.99 4.09 4.37
CA HIS A 107 10.55 5.34 3.75
C HIS A 107 11.57 5.82 2.73
N LYS A 108 12.86 5.80 3.10
CA LYS A 108 13.92 6.17 2.17
C LYS A 108 13.85 5.35 0.90
N ARG A 109 13.44 4.08 0.99
CA ARG A 109 13.13 3.35 -0.23
C ARG A 109 11.98 4.02 -0.98
N ASP A 110 10.82 4.12 -0.34
CA ASP A 110 9.61 4.63 -0.97
C ASP A 110 8.75 5.30 0.09
N SER A 111 7.97 6.30 -0.32
CA SER A 111 7.31 7.18 0.63
C SER A 111 5.80 7.09 0.63
N ASP A 112 5.18 6.47 -0.37
CA ASP A 112 3.73 6.36 -0.38
C ASP A 112 3.23 5.14 0.39
N VAL A 113 4.08 4.12 0.53
CA VAL A 113 3.65 2.84 1.08
C VAL A 113 3.22 2.97 2.54
N GLU A 114 2.48 1.98 3.02
CA GLU A 114 2.10 1.86 4.42
C GLU A 114 2.78 0.67 5.05
N ILE A 115 3.13 0.81 6.32
CA ILE A 115 3.87 -0.21 7.06
C ILE A 115 2.89 -1.00 7.93
N ARG A 116 2.90 -2.32 7.78
CA ARG A 116 2.11 -3.20 8.63
C ARG A 116 2.97 -3.59 9.83
N THR A 117 2.69 -2.98 10.97
CA THR A 117 3.56 -3.10 12.13
C THR A 117 3.29 -4.43 12.83
N SER A 118 3.82 -4.61 14.03
CA SER A 118 3.68 -5.84 14.80
C SER A 118 2.69 -5.76 15.94
N GLU A 119 2.42 -4.55 16.44
CA GLU A 119 1.61 -4.34 17.64
C GLU A 119 0.44 -5.30 17.76
N LYS A 120 -0.30 -5.49 16.68
CA LYS A 120 -1.59 -6.18 16.72
C LYS A 120 -1.47 -7.66 17.09
N GLU A 121 -0.27 -8.15 17.38
CA GLU A 121 -0.15 -9.42 18.08
C GLU A 121 0.50 -9.29 19.44
N ASN A 122 1.51 -8.44 19.57
CA ASN A 122 2.37 -8.52 20.74
C ASN A 122 1.69 -8.10 22.03
N LYS A 123 0.58 -7.37 21.95
CA LYS A 123 -0.21 -7.10 23.16
C LYS A 123 -0.55 -8.39 23.89
N LYS A 124 -0.74 -9.47 23.14
CA LYS A 124 -1.10 -10.77 23.68
C LYS A 124 -0.10 -11.27 24.72
N TYR A 125 1.08 -10.65 24.79
CA TYR A 125 2.08 -11.08 25.76
C TYR A 125 2.44 -9.98 26.75
N GLY A 126 1.77 -8.84 26.69
CA GLY A 126 1.95 -7.78 27.69
C GLY A 126 3.40 -7.45 27.99
N TYR A 127 4.25 -7.43 26.97
CA TYR A 127 5.64 -7.04 27.16
C TYR A 127 5.72 -5.64 27.75
N GLU A 128 6.84 -5.34 28.35
CA GLU A 128 7.02 -3.98 28.85
C GLU A 128 8.31 -3.33 28.39
N PHE A 129 9.40 -4.08 28.32
CA PHE A 129 10.69 -3.51 27.95
C PHE A 129 11.24 -4.11 26.67
N VAL A 130 11.18 -5.42 26.51
CA VAL A 130 11.79 -6.10 25.38
C VAL A 130 10.70 -6.54 24.42
N ASP A 131 10.97 -6.40 23.12
CA ASP A 131 10.02 -6.81 22.09
C ASP A 131 10.78 -7.51 20.99
N ALA A 132 10.18 -8.58 20.46
CA ALA A 132 10.70 -9.32 19.32
C ALA A 132 9.64 -9.21 18.25
N GLY A 133 9.71 -8.15 17.46
CA GLY A 133 8.60 -7.85 16.57
C GLY A 133 8.99 -7.74 15.11
N TYR A 134 8.09 -7.24 14.29
CA TYR A 134 8.33 -7.24 12.86
C TYR A 134 7.81 -5.95 12.27
N VAL A 135 8.35 -5.59 11.10
CA VAL A 135 7.80 -4.52 10.29
C VAL A 135 7.91 -4.97 8.85
N TYR A 136 6.91 -4.65 8.05
CA TYR A 136 6.99 -5.03 6.64
C TYR A 136 6.01 -4.21 5.84
N THR A 137 6.14 -4.30 4.53
CA THR A 137 5.25 -3.61 3.63
C THR A 137 5.13 -4.37 2.33
N LYS A 138 3.90 -4.48 1.86
CA LYS A 138 3.54 -5.11 0.61
C LYS A 138 2.77 -4.14 -0.27
N ASN A 139 3.12 -2.86 -0.22
CA ASN A 139 2.57 -1.86 -1.11
C ASN A 139 3.63 -1.31 -2.04
N GLY A 140 4.61 -2.13 -2.40
CA GLY A 140 5.82 -1.65 -3.05
C GLY A 140 5.77 -1.85 -4.56
N LYS A 141 6.29 -0.85 -5.28
CA LYS A 141 6.43 -0.94 -6.71
C LYS A 141 7.77 -1.61 -7.02
N ASP A 142 7.70 -2.78 -7.64
CA ASP A 142 8.87 -3.62 -7.79
C ASP A 142 9.93 -2.99 -8.68
N GLU A 143 11.18 -3.23 -8.33
CA GLU A 143 12.33 -2.62 -9.00
C GLU A 143 12.58 -3.30 -10.32
N ILE A 144 12.55 -2.51 -11.40
CA ILE A 144 12.77 -2.99 -12.76
C ILE A 144 13.92 -2.20 -13.36
N GLU A 145 14.91 -2.91 -13.87
CA GLU A 145 15.96 -2.30 -14.67
C GLU A 145 16.08 -3.07 -15.97
N GLN A 146 15.95 -2.35 -17.08
CA GLN A 146 15.84 -2.87 -18.42
C GLN A 146 17.09 -2.57 -19.23
N ASN A 147 17.16 -3.19 -20.40
CA ASN A 147 18.25 -2.98 -21.34
C ASN A 147 17.77 -2.09 -22.48
N SER A 148 18.73 -1.57 -23.25
CA SER A 148 18.40 -0.73 -24.39
C SER A 148 17.54 -1.46 -25.40
N GLY A 149 17.88 -2.72 -25.69
CA GLY A 149 17.14 -3.49 -26.67
C GLY A 149 15.81 -4.00 -26.17
N GLY A 150 15.26 -3.37 -25.14
CA GLY A 150 13.99 -3.75 -24.55
C GLY A 150 14.10 -4.80 -23.47
N LYS A 151 15.12 -5.64 -23.53
CA LYS A 151 15.30 -6.71 -22.55
C LYS A 151 15.46 -6.12 -21.15
N ARG A 152 15.32 -7.00 -20.16
CA ARG A 152 15.39 -6.60 -18.76
C ARG A 152 16.49 -7.38 -18.06
N PHE A 153 17.07 -6.79 -17.01
CA PHE A 153 18.07 -7.54 -16.27
C PHE A 153 17.99 -7.36 -14.76
N THR A 154 17.00 -6.68 -14.21
CA THR A 154 16.90 -6.70 -12.75
C THR A 154 15.46 -6.52 -12.33
N HIS A 155 15.04 -7.31 -11.34
CA HIS A 155 13.65 -7.33 -10.91
C HIS A 155 13.62 -7.75 -9.45
N ARG A 156 13.17 -6.86 -8.59
CA ARG A 156 13.12 -7.13 -7.15
C ARG A 156 11.73 -6.80 -6.65
N PHE A 157 11.03 -7.80 -6.12
CA PHE A 157 9.66 -7.58 -5.70
C PHE A 157 9.60 -6.48 -4.66
N GLY A 158 8.40 -5.93 -4.46
CA GLY A 158 8.25 -4.75 -3.65
C GLY A 158 8.20 -4.99 -2.17
N TYR A 159 7.93 -6.24 -1.76
CA TYR A 159 7.82 -6.54 -0.34
C TYR A 159 9.11 -6.19 0.39
N ASP A 160 9.04 -5.22 1.29
CA ASP A 160 10.23 -4.71 1.96
C ASP A 160 9.99 -4.62 3.45
N GLY A 161 10.94 -5.09 4.25
CA GLY A 161 10.75 -5.03 5.69
C GLY A 161 11.82 -5.75 6.47
N PHE A 162 11.65 -5.72 7.79
CA PHE A 162 12.62 -6.18 8.76
C PHE A 162 11.94 -7.09 9.77
N VAL A 163 12.75 -7.90 10.45
CA VAL A 163 12.37 -8.47 11.74
C VAL A 163 13.38 -7.95 12.74
N TYR A 164 12.97 -7.84 14.00
CA TYR A 164 13.84 -7.08 14.89
C TYR A 164 13.62 -7.48 16.32
N TYR A 165 14.62 -7.20 17.16
CA TYR A 165 14.43 -7.37 18.58
C TYR A 165 15.14 -6.26 19.33
N SER A 166 14.46 -5.75 20.36
CA SER A 166 14.90 -4.56 21.07
C SER A 166 14.71 -4.76 22.56
N GLY A 167 15.77 -4.56 23.32
CA GLY A 167 15.73 -4.68 24.76
C GLY A 167 16.09 -3.38 25.45
N GLU A 168 15.72 -3.24 26.72
CA GLU A 168 15.99 -2.03 27.47
C GLU A 168 16.53 -2.38 28.85
N ARG A 169 17.55 -1.63 29.28
CA ARG A 169 18.19 -1.80 30.57
C ARG A 169 18.73 -3.21 30.74
N PRO A 170 19.78 -3.59 30.04
CA PRO A 170 20.33 -4.95 30.16
C PRO A 170 20.54 -5.32 31.62
N SER A 171 20.28 -6.60 31.93
CA SER A 171 20.21 -7.02 33.31
C SER A 171 21.58 -7.06 33.94
N GLN A 172 21.95 -5.98 34.63
CA GLN A 172 23.21 -5.95 35.37
C GLN A 172 23.36 -7.13 36.33
N SER A 173 22.28 -7.84 36.60
CA SER A 173 22.31 -9.00 37.49
C SER A 173 21.05 -9.83 37.26
N LEU A 174 20.95 -10.92 38.00
CA LEU A 174 19.99 -11.98 37.73
C LEU A 174 19.47 -12.55 39.03
N PRO A 175 18.27 -13.12 39.02
CA PRO A 175 17.85 -13.98 40.15
C PRO A 175 18.89 -15.07 40.35
N SER A 176 19.00 -15.53 41.59
CA SER A 176 20.11 -16.41 41.97
C SER A 176 19.65 -17.79 42.42
N ALA A 177 18.75 -17.86 43.38
CA ALA A 177 18.33 -19.16 43.91
C ALA A 177 17.17 -19.73 43.10
N GLY A 178 17.13 -21.05 43.01
CA GLY A 178 16.04 -21.71 42.35
C GLY A 178 16.02 -21.51 40.85
N THR A 179 14.88 -21.84 40.26
CA THR A 179 14.65 -21.71 38.83
C THR A 179 13.50 -20.75 38.59
N VAL A 180 13.49 -20.17 37.39
CA VAL A 180 12.52 -19.16 37.02
C VAL A 180 11.94 -19.51 35.66
N LYS A 181 10.72 -19.03 35.41
CA LYS A 181 9.96 -19.37 34.21
C LYS A 181 9.46 -18.11 33.53
N TYR A 182 9.93 -17.88 32.30
CA TYR A 182 9.46 -16.81 31.44
C TYR A 182 8.56 -17.36 30.35
N PHE A 183 7.64 -16.52 29.89
CA PHE A 183 6.79 -16.83 28.75
C PHE A 183 6.90 -15.69 27.76
N GLY A 184 6.88 -16.01 26.47
CA GLY A 184 7.03 -14.95 25.49
C GLY A 184 7.17 -15.54 24.11
N ASN A 185 7.31 -14.67 23.12
CA ASN A 185 7.21 -15.12 21.75
C ASN A 185 8.51 -14.93 21.01
N TRP A 186 8.48 -15.19 19.72
CA TRP A 186 9.65 -15.04 18.88
C TRP A 186 9.17 -14.63 17.49
N GLN A 187 10.12 -14.29 16.63
CA GLN A 187 9.87 -13.99 15.23
C GLN A 187 11.10 -14.45 14.47
N TYR A 188 10.93 -14.74 13.19
CA TYR A 188 12.06 -15.23 12.43
C TYR A 188 12.00 -14.64 11.03
N MET A 189 13.04 -14.89 10.25
CA MET A 189 13.05 -14.55 8.83
C MET A 189 14.08 -15.43 8.16
N THR A 190 13.66 -16.17 7.14
CA THR A 190 14.49 -17.19 6.55
C THR A 190 15.31 -16.63 5.40
N ASP A 191 15.93 -17.51 4.62
CA ASP A 191 16.60 -17.14 3.38
C ASP A 191 15.54 -16.98 2.29
N ALA A 192 15.94 -16.92 1.04
CA ALA A 192 14.97 -16.93 -0.07
C ALA A 192 15.52 -17.77 -1.20
N LYS A 193 15.22 -19.06 -1.19
CA LYS A 193 15.60 -19.93 -2.28
C LYS A 193 14.53 -19.85 -3.36
N ARG A 194 14.60 -20.74 -4.35
CA ARG A 194 13.64 -20.76 -5.43
C ARG A 194 12.89 -22.08 -5.58
N HIS A 195 13.42 -23.17 -5.04
CA HIS A 195 12.68 -24.43 -5.04
C HIS A 195 13.07 -25.18 -3.76
N ARG A 196 12.28 -24.98 -2.71
CA ARG A 196 12.61 -25.63 -1.46
C ARG A 196 12.23 -27.10 -1.45
N THR A 197 11.57 -27.59 -2.49
CA THR A 197 11.32 -29.02 -2.64
C THR A 197 11.79 -29.59 -3.97
N GLY A 198 11.89 -28.78 -5.01
CA GLY A 198 12.16 -29.29 -6.34
C GLY A 198 10.93 -29.53 -7.18
N LYS A 199 9.78 -28.97 -6.81
CA LYS A 199 8.55 -29.12 -7.57
C LYS A 199 7.82 -27.81 -7.81
N ALA A 200 8.31 -26.70 -7.24
CA ALA A 200 7.73 -25.38 -7.46
C ALA A 200 6.25 -25.33 -7.09
N VAL A 201 5.84 -26.15 -6.13
CA VAL A 201 4.46 -26.12 -5.68
C VAL A 201 4.14 -24.74 -5.12
N ALA A 202 2.86 -24.39 -5.13
CA ALA A 202 2.44 -23.05 -4.74
C ALA A 202 2.98 -22.71 -3.36
N SER A 203 3.46 -21.48 -3.21
CA SER A 203 3.99 -21.02 -1.94
C SER A 203 2.91 -20.65 -0.97
N ASP A 204 1.66 -21.03 -1.26
CA ASP A 204 0.57 -20.95 -0.32
C ASP A 204 0.47 -22.19 0.55
N ASP A 205 0.78 -23.36 -0.02
CA ASP A 205 0.72 -24.60 0.73
C ASP A 205 1.68 -24.60 1.90
N LEU A 206 2.97 -24.52 1.63
CA LEU A 206 3.95 -24.55 2.70
C LEU A 206 3.91 -23.20 3.40
N GLY A 207 2.88 -23.03 4.21
CA GLY A 207 2.85 -21.99 5.21
C GLY A 207 2.29 -20.63 4.84
N TYR A 208 2.96 -19.90 3.97
CA TYR A 208 2.86 -18.44 3.94
C TYR A 208 2.01 -17.96 2.79
N ILE A 209 1.65 -16.68 2.86
CA ILE A 209 0.84 -16.04 1.84
C ILE A 209 1.65 -16.05 0.56
N THR A 210 1.01 -15.76 -0.56
CA THR A 210 1.67 -16.02 -1.83
C THR A 210 2.92 -15.17 -1.95
N PHE A 211 3.91 -15.73 -2.68
CA PHE A 211 5.17 -15.10 -3.05
C PHE A 211 6.14 -14.97 -1.89
N TYR A 212 5.71 -15.26 -0.68
CA TYR A 212 6.65 -15.37 0.42
C TYR A 212 7.16 -16.79 0.49
N GLY A 213 8.43 -16.94 0.84
CA GLY A 213 9.04 -18.23 0.94
C GLY A 213 9.72 -18.74 -0.31
N ASN A 214 9.39 -18.19 -1.47
CA ASN A 214 9.87 -18.79 -2.70
C ASN A 214 10.53 -17.77 -3.61
N ASP A 215 10.12 -16.51 -3.52
CA ASP A 215 10.76 -15.46 -4.30
C ASP A 215 11.22 -14.30 -3.42
N ILE A 216 10.92 -14.32 -2.15
CA ILE A 216 11.43 -13.39 -1.16
C ILE A 216 11.70 -14.23 0.10
N GLY A 217 12.20 -13.58 1.14
CA GLY A 217 12.51 -14.30 2.37
C GLY A 217 11.24 -14.79 3.02
N ALA A 218 11.08 -16.10 3.14
CA ALA A 218 10.05 -16.65 4.01
C ALA A 218 10.19 -16.07 5.41
N THR A 219 9.07 -15.69 6.00
CA THR A 219 9.11 -14.90 7.20
C THR A 219 8.08 -15.46 8.17
N SER A 220 7.76 -14.67 9.20
CA SER A 220 6.93 -15.17 10.28
C SER A 220 5.54 -14.55 10.30
N TYR A 221 5.48 -13.22 10.39
CA TYR A 221 4.19 -12.54 10.36
C TYR A 221 3.38 -12.89 9.14
N ALA A 222 4.02 -13.34 8.07
CA ALA A 222 3.32 -13.82 6.89
C ALA A 222 3.21 -15.32 6.88
N ALA A 223 3.07 -15.94 8.06
CA ALA A 223 2.72 -17.36 8.18
C ALA A 223 1.25 -17.45 8.56
N LYS A 224 0.53 -18.32 7.88
CA LYS A 224 -0.92 -18.36 8.08
C LYS A 224 -1.43 -19.78 8.30
N ASP A 225 -0.63 -20.63 8.94
CA ASP A 225 -1.19 -21.79 9.61
C ASP A 225 -0.68 -21.84 11.04
N ALA A 226 -1.59 -21.64 11.97
CA ALA A 226 -1.34 -21.72 13.41
C ALA A 226 -2.70 -21.64 14.06
N ASP A 227 -2.72 -21.68 15.39
CA ASP A 227 -3.94 -21.28 16.05
C ASP A 227 -4.02 -19.78 15.87
N ASP A 228 -4.73 -19.37 14.83
CA ASP A 228 -4.55 -18.09 14.15
C ASP A 228 -4.52 -16.91 15.09
N ARG A 229 -5.04 -17.07 16.29
CA ARG A 229 -4.97 -15.98 17.26
C ARG A 229 -3.57 -15.84 17.84
N GLU A 230 -2.87 -16.95 18.04
CA GLU A 230 -1.56 -16.95 18.70
C GLU A 230 -0.68 -17.97 17.97
N LYS A 231 0.24 -17.48 17.13
CA LYS A 231 1.03 -18.38 16.32
C LYS A 231 2.23 -18.94 17.09
N HIS A 232 3.14 -18.07 17.52
CA HIS A 232 4.47 -18.48 17.97
C HIS A 232 4.72 -18.07 19.42
N PRO A 233 4.35 -18.90 20.39
CA PRO A 233 4.80 -18.68 21.76
C PRO A 233 6.05 -19.47 22.10
N ALA A 234 6.52 -19.36 23.34
CA ALA A 234 7.73 -20.03 23.80
C ALA A 234 7.90 -19.81 25.29
N GLU A 235 8.61 -20.74 25.94
CA GLU A 235 8.77 -20.77 27.39
C GLU A 235 10.24 -20.94 27.76
N TYR A 236 10.59 -20.44 28.94
CA TYR A 236 12.00 -20.27 29.32
C TYR A 236 12.19 -20.70 30.77
N THR A 237 12.93 -21.78 31.00
CA THR A 237 13.28 -22.22 32.34
C THR A 237 14.75 -21.93 32.59
N VAL A 238 15.02 -21.05 33.56
CA VAL A 238 16.37 -20.60 33.86
C VAL A 238 16.78 -21.15 35.21
N ASP A 239 17.99 -21.70 35.29
CA ASP A 239 18.51 -22.25 36.53
C ASP A 239 19.91 -21.69 36.78
N PHE A 240 20.05 -20.90 37.82
CA PHE A 240 21.31 -20.23 38.12
C PHE A 240 22.26 -21.08 38.96
N ASP A 241 21.78 -22.18 39.53
CA ASP A 241 22.67 -23.11 40.20
C ASP A 241 23.80 -23.52 39.27
N LYS A 242 23.47 -23.81 38.02
CA LYS A 242 24.46 -24.11 36.99
C LYS A 242 24.66 -22.95 36.04
N LYS A 243 24.10 -21.77 36.35
CA LYS A 243 24.21 -20.58 35.51
C LYS A 243 23.85 -20.90 34.07
N ILE A 244 22.69 -21.55 33.89
CA ILE A 244 22.28 -22.06 32.59
C ILE A 244 20.83 -21.66 32.34
N LEU A 245 20.44 -21.72 31.07
CA LEU A 245 19.11 -21.32 30.63
C LEU A 245 18.64 -22.29 29.56
N LYS A 246 17.57 -23.04 29.82
CA LYS A 246 16.97 -23.88 28.81
C LYS A 246 15.64 -23.27 28.40
N GLY A 247 15.25 -23.51 27.16
CA GLY A 247 14.02 -22.91 26.66
C GLY A 247 13.42 -23.71 25.54
N GLU A 248 12.11 -23.65 25.43
CA GLU A 248 11.36 -24.29 24.37
C GLU A 248 10.73 -23.22 23.50
N LEU A 249 10.84 -23.40 22.18
CA LEU A 249 10.38 -22.43 21.19
C LEU A 249 9.34 -23.11 20.32
N ILE A 250 8.11 -22.61 20.39
CA ILE A 250 6.89 -23.35 20.04
C ILE A 250 6.14 -22.64 18.92
N LYS A 251 5.67 -23.42 17.94
CA LYS A 251 4.82 -22.92 16.87
C LYS A 251 3.47 -23.62 16.96
N ASN A 252 2.46 -22.88 17.36
CA ASN A 252 1.12 -23.45 17.48
C ASN A 252 0.69 -24.06 16.17
N GLN A 253 0.22 -25.29 16.23
CA GLN A 253 -0.25 -25.99 15.05
C GLN A 253 -1.66 -25.51 14.74
N TYR A 254 -2.40 -26.20 13.87
CA TYR A 254 -3.65 -25.69 13.33
C TYR A 254 -4.85 -26.51 13.79
N VAL A 255 -5.90 -25.81 14.20
CA VAL A 255 -7.18 -26.41 14.57
C VAL A 255 -8.19 -26.14 13.46
N GLN A 256 -8.84 -27.19 12.98
CA GLN A 256 -9.80 -27.06 11.88
C GLN A 256 -10.92 -26.09 12.21
N LYS A 257 -11.73 -26.46 13.18
CA LYS A 257 -12.83 -25.60 13.64
C LYS A 257 -12.34 -24.84 14.87
N LYS A 258 -12.45 -23.52 14.83
CA LYS A 258 -11.75 -22.69 15.80
C LYS A 258 -12.36 -22.81 17.18
N ASN A 259 -12.31 -23.99 17.75
CA ASN A 259 -12.77 -24.23 19.11
C ASN A 259 -11.77 -24.99 19.95
N ASP A 260 -11.05 -25.93 19.36
CA ASP A 260 -10.36 -26.98 20.09
C ASP A 260 -9.18 -26.41 20.87
N PRO A 261 -8.56 -27.22 21.71
CA PRO A 261 -7.28 -26.81 22.29
C PRO A 261 -6.15 -26.98 21.29
N LYS A 262 -5.06 -26.24 21.55
CA LYS A 262 -3.98 -26.09 20.58
C LYS A 262 -3.22 -27.40 20.40
N LYS A 263 -2.29 -27.40 19.44
CA LYS A 263 -1.43 -28.55 19.17
C LYS A 263 0.03 -28.12 19.16
N PRO A 264 0.55 -27.61 20.28
CA PRO A 264 1.87 -26.98 20.27
C PRO A 264 2.98 -27.91 19.81
N LEU A 265 3.69 -27.49 18.76
CA LEU A 265 4.90 -28.13 18.29
C LEU A 265 6.09 -27.23 18.62
N THR A 266 6.95 -27.69 19.51
CA THR A 266 8.18 -26.97 19.84
C THR A 266 9.15 -27.11 18.68
N ILE A 267 9.55 -25.98 18.10
CA ILE A 267 10.38 -25.99 16.90
C ILE A 267 11.86 -25.78 17.23
N TYR A 268 12.18 -24.88 18.15
CA TYR A 268 13.58 -24.63 18.50
C TYR A 268 13.81 -24.73 19.99
N ASN A 269 14.71 -25.62 20.38
CA ASN A 269 15.23 -25.71 21.73
C ASN A 269 16.39 -24.74 21.91
N ILE A 270 16.54 -24.23 23.13
CA ILE A 270 17.51 -23.20 23.44
C ILE A 270 18.32 -23.64 24.64
N THR A 271 19.63 -23.84 24.46
CA THR A 271 20.54 -24.14 25.57
C THR A 271 21.56 -23.02 25.63
N ALA A 272 21.46 -22.17 26.64
CA ALA A 272 22.29 -20.98 26.74
C ALA A 272 23.07 -20.99 28.05
N ASP A 273 24.28 -20.45 27.97
CA ASP A 273 25.20 -20.34 29.08
C ASP A 273 25.31 -18.89 29.49
N LEU A 274 25.14 -18.64 30.78
CA LEU A 274 25.06 -17.27 31.28
C LEU A 274 26.44 -16.63 31.31
N ASN A 275 26.46 -15.30 31.16
CA ASN A 275 27.63 -14.49 31.47
C ASN A 275 27.10 -13.12 31.88
N GLY A 276 26.91 -12.94 33.19
CA GLY A 276 26.32 -11.73 33.71
C GLY A 276 25.06 -11.32 32.98
N ASN A 277 25.08 -10.11 32.41
CA ASN A 277 23.90 -9.61 31.71
C ASN A 277 23.55 -10.48 30.52
N ARG A 278 24.55 -10.98 29.81
CA ARG A 278 24.32 -11.65 28.55
C ARG A 278 24.31 -13.15 28.74
N PHE A 279 24.12 -13.85 27.64
CA PHE A 279 24.26 -15.29 27.62
C PHE A 279 24.49 -15.71 26.19
N THR A 280 25.42 -16.63 26.01
CA THR A 280 25.65 -17.19 24.69
C THR A 280 24.98 -18.55 24.62
N GLY A 281 25.15 -19.23 23.52
CA GLY A 281 24.70 -20.61 23.54
C GLY A 281 24.22 -21.02 22.17
N SER A 282 23.34 -22.02 22.16
CA SER A 282 22.97 -22.68 20.93
C SER A 282 21.46 -22.81 20.82
N ALA A 283 20.95 -22.45 19.65
CA ALA A 283 19.60 -22.73 19.23
C ALA A 283 19.63 -23.95 18.31
N LYS A 284 18.76 -24.92 18.56
CA LYS A 284 18.73 -26.09 17.70
C LYS A 284 17.36 -26.74 17.73
N VAL A 285 16.92 -27.22 16.57
CA VAL A 285 15.62 -27.86 16.46
C VAL A 285 15.59 -29.15 17.29
N ASN A 286 14.39 -29.59 17.64
CA ASN A 286 14.20 -30.89 18.24
C ASN A 286 14.24 -31.93 17.11
N THR A 287 13.83 -33.16 17.40
CA THR A 287 13.85 -34.21 16.40
C THR A 287 12.47 -34.59 15.88
N GLU A 288 11.42 -34.33 16.66
CA GLU A 288 10.05 -34.54 16.23
C GLU A 288 9.82 -33.95 14.85
N VAL A 289 10.39 -32.76 14.63
CA VAL A 289 10.29 -32.13 13.32
C VAL A 289 10.89 -33.03 12.26
N LYS A 290 12.18 -33.33 12.39
CA LYS A 290 12.89 -34.15 11.40
C LYS A 290 12.18 -35.47 11.14
N THR A 291 11.47 -35.99 12.14
CA THR A 291 10.80 -37.27 11.97
C THR A 291 9.48 -37.12 11.20
N ARG A 292 8.56 -36.34 11.75
CA ARG A 292 7.22 -36.30 11.20
C ARG A 292 7.11 -35.36 10.00
N HIS A 293 7.58 -34.12 10.14
CA HIS A 293 7.20 -33.03 9.24
C HIS A 293 8.27 -32.72 8.21
N ALA A 294 8.88 -33.73 7.62
CA ALA A 294 10.02 -33.55 6.74
C ALA A 294 9.66 -32.80 5.46
N ASP A 295 8.44 -32.29 5.37
CA ASP A 295 8.01 -31.55 4.19
C ASP A 295 7.46 -30.16 4.49
N LYS A 296 7.34 -29.76 5.76
CA LYS A 296 6.67 -28.51 6.05
C LYS A 296 7.43 -27.62 7.02
N GLU A 297 8.22 -28.22 7.91
CA GLU A 297 8.93 -27.43 8.90
C GLU A 297 10.40 -27.82 8.94
N TYR A 298 10.69 -29.05 8.58
CA TYR A 298 12.06 -29.48 8.40
C TYR A 298 12.66 -28.89 7.14
N LEU A 299 11.97 -27.94 6.52
CA LEU A 299 12.39 -27.40 5.25
C LEU A 299 12.75 -25.94 5.32
N PHE A 300 12.48 -25.26 6.43
CA PHE A 300 13.15 -24.01 6.75
C PHE A 300 14.08 -24.16 7.95
N PHE A 301 13.64 -24.86 8.99
CA PHE A 301 14.37 -24.97 10.26
C PHE A 301 15.17 -26.27 10.26
N HIS A 302 16.33 -26.28 9.63
CA HIS A 302 16.99 -27.57 9.50
C HIS A 302 18.48 -27.57 9.83
N THR A 303 19.03 -26.53 10.43
CA THR A 303 20.42 -26.53 10.85
C THR A 303 20.56 -25.79 12.16
N ASP A 304 21.39 -26.33 13.05
CA ASP A 304 21.54 -25.76 14.38
C ASP A 304 22.16 -24.37 14.32
N ALA A 305 22.29 -23.72 15.48
CA ALA A 305 22.99 -22.45 15.59
C ALA A 305 23.98 -22.62 16.74
N ASP A 306 25.16 -23.15 16.44
CA ASP A 306 26.12 -23.54 17.46
C ASP A 306 26.96 -22.34 17.87
N GLN A 307 26.96 -22.04 19.17
CA GLN A 307 27.64 -20.88 19.73
C GLN A 307 27.18 -19.58 19.10
N ARG A 308 26.13 -19.61 18.31
CA ARG A 308 25.66 -18.48 17.53
C ARG A 308 24.25 -18.09 17.95
N LEU A 309 23.91 -18.33 19.21
CA LEU A 309 22.73 -17.76 19.82
C LEU A 309 23.19 -16.81 20.91
N GLU A 310 22.82 -15.55 20.78
CA GLU A 310 23.17 -14.57 21.80
C GLU A 310 21.89 -14.06 22.42
N GLY A 311 21.98 -13.61 23.66
CA GLY A 311 20.81 -12.95 24.23
C GLY A 311 21.18 -12.21 25.49
N GLY A 312 20.22 -11.43 25.98
CA GLY A 312 20.43 -10.67 27.19
C GLY A 312 19.16 -10.53 28.00
N PHE A 313 19.26 -10.72 29.31
CA PHE A 313 18.13 -10.40 30.15
C PHE A 313 17.98 -8.90 30.19
N PHE A 314 16.76 -8.43 30.08
CA PHE A 314 16.48 -7.01 30.14
C PHE A 314 15.48 -6.73 31.25
N GLY A 315 15.43 -5.47 31.65
CA GLY A 315 14.84 -5.14 32.92
C GLY A 315 15.91 -5.37 33.97
N ASP A 316 16.14 -4.39 34.85
CA ASP A 316 17.23 -4.52 35.81
C ASP A 316 17.02 -5.64 36.80
N ASN A 317 15.89 -6.35 36.71
CA ASN A 317 15.61 -7.49 37.58
C ASN A 317 15.79 -8.83 36.87
N GLY A 318 16.33 -8.82 35.66
CA GLY A 318 16.35 -10.04 34.87
C GLY A 318 14.98 -10.66 34.74
N GLU A 319 13.97 -9.83 34.47
CA GLU A 319 12.59 -10.27 34.42
C GLU A 319 12.03 -10.29 33.01
N GLU A 320 12.72 -9.69 32.06
CA GLU A 320 12.39 -9.81 30.65
C GLU A 320 13.61 -10.35 29.92
N LEU A 321 13.42 -10.78 28.69
CA LEU A 321 14.48 -11.53 28.03
C LEU A 321 14.47 -11.21 26.54
N ALA A 322 15.64 -10.93 25.99
CA ALA A 322 15.81 -10.73 24.55
C ALA A 322 16.85 -11.70 24.03
N GLY A 323 16.79 -11.95 22.73
CA GLY A 323 17.86 -12.71 22.13
C GLY A 323 17.71 -12.76 20.63
N ARG A 324 18.75 -13.27 19.99
CA ARG A 324 18.78 -13.44 18.54
C ARG A 324 19.67 -14.61 18.20
N PHE A 325 19.59 -15.02 16.95
CA PHE A 325 20.48 -16.07 16.46
C PHE A 325 20.38 -16.12 14.94
N ILE A 326 21.30 -16.88 14.35
CA ILE A 326 21.31 -17.15 12.91
C ILE A 326 21.85 -18.54 12.64
N SER A 327 21.01 -19.39 12.06
CA SER A 327 21.39 -20.79 11.87
C SER A 327 22.65 -20.89 11.03
N ASN A 328 23.50 -21.85 11.36
CA ASN A 328 24.89 -21.82 10.92
C ASN A 328 25.07 -21.97 9.42
N ASP A 329 24.03 -22.22 8.64
CA ASP A 329 24.13 -22.07 7.21
C ASP A 329 23.71 -20.70 6.75
N ASN A 330 23.61 -19.75 7.68
CA ASN A 330 23.07 -18.42 7.42
C ASN A 330 21.76 -18.51 6.62
N GLY A 331 20.78 -19.16 7.24
CA GLY A 331 19.51 -19.30 6.56
C GLY A 331 18.28 -18.93 7.36
N VAL A 332 18.39 -18.80 8.68
CA VAL A 332 17.25 -18.43 9.51
C VAL A 332 17.67 -17.42 10.56
N PHE A 333 17.51 -16.14 10.29
CA PHE A 333 17.80 -15.15 11.32
C PHE A 333 16.56 -15.00 12.17
N GLY A 334 16.68 -15.26 13.46
CA GLY A 334 15.51 -15.23 14.31
C GLY A 334 15.74 -14.52 15.61
N VAL A 335 14.78 -13.72 16.05
CA VAL A 335 14.92 -12.97 17.29
C VAL A 335 13.71 -13.21 18.17
N PHE A 336 13.95 -13.34 19.47
CA PHE A 336 12.94 -13.79 20.40
C PHE A 336 12.97 -12.96 21.66
N ALA A 337 11.90 -13.03 22.43
CA ALA A 337 11.79 -12.21 23.62
C ALA A 337 10.69 -12.75 24.51
N GLY A 338 10.96 -12.77 25.81
CA GLY A 338 10.03 -13.28 26.79
C GLY A 338 9.95 -12.37 28.00
N LYS A 339 9.09 -12.76 28.94
CA LYS A 339 8.76 -11.93 30.07
C LYS A 339 8.39 -12.80 31.25
N GLN A 340 8.67 -12.30 32.45
CA GLN A 340 8.35 -13.00 33.69
C GLN A 340 6.86 -13.29 33.80
N LYS A 341 6.53 -14.24 34.67
CA LYS A 341 5.13 -14.59 34.94
C LYS A 341 4.43 -13.58 35.84
N THR A 342 5.13 -12.50 36.22
CA THR A 342 4.57 -11.37 36.98
C THR A 342 4.32 -11.80 38.43
N ASN A 343 4.44 -13.09 38.71
CA ASN A 343 4.39 -13.61 40.06
C ASN A 343 5.79 -13.78 40.62
N ALA A 344 6.55 -12.69 40.59
CA ALA A 344 7.98 -12.73 40.90
C ALA A 344 8.20 -13.06 42.37
N SER A 345 8.69 -14.27 42.63
CA SER A 345 9.16 -14.63 43.96
C SER A 345 10.64 -14.31 44.07
N GLY A 346 11.01 -13.54 45.09
CA GLY A 346 12.36 -13.01 45.16
C GLY A 346 13.42 -14.08 45.31
N THR A 347 14.65 -13.70 44.96
CA THR A 347 15.80 -14.56 45.13
C THR A 347 16.49 -14.25 46.45
N ASN A 348 17.10 -15.28 47.05
CA ASN A 348 17.67 -15.11 48.38
C ASN A 348 19.02 -14.40 48.30
N PRO A 349 19.97 -14.81 47.42
CA PRO A 349 21.02 -13.88 47.04
C PRO A 349 20.50 -12.86 46.03
N ALA A 350 20.27 -11.64 46.50
CA ALA A 350 19.58 -10.61 45.73
C ALA A 350 20.56 -9.92 44.79
N MET A 351 20.79 -10.57 43.65
CA MET A 351 21.59 -9.93 42.61
C MET A 351 20.77 -8.93 41.77
N PRO A 352 19.62 -9.30 41.21
CA PRO A 352 19.01 -8.43 40.20
C PRO A 352 18.28 -7.25 40.83
N PHE A 353 18.71 -6.04 40.48
CA PHE A 353 18.14 -4.82 41.03
C PHE A 353 16.67 -4.71 40.59
N GLY A 354 15.98 -3.67 41.05
CA GLY A 354 14.56 -3.60 40.80
C GLY A 354 13.77 -4.50 41.73
N LYS A 355 13.70 -4.10 43.00
CA LYS A 355 13.12 -4.81 44.16
C LYS A 355 14.09 -5.83 44.73
N HIS A 356 15.37 -5.71 44.43
CA HIS A 356 16.44 -6.44 45.11
C HIS A 356 17.65 -5.52 45.19
N THR A 357 18.81 -6.08 45.49
CA THR A 357 20.02 -5.30 45.71
C THR A 357 20.88 -5.27 44.44
N LYS A 358 21.33 -4.07 44.09
CA LYS A 358 22.22 -3.85 42.95
C LYS A 358 23.50 -4.67 43.11
N ILE A 359 24.13 -5.02 41.98
CA ILE A 359 25.47 -5.58 41.99
C ILE A 359 26.46 -4.72 41.21
N LEU A 360 26.10 -4.31 39.99
CA LEU A 360 27.02 -3.57 39.14
C LEU A 360 26.28 -2.49 38.40
N ASP A 361 26.93 -1.34 38.22
CA ASP A 361 26.25 -0.15 37.73
C ASP A 361 27.09 0.58 36.69
N SER A 362 26.40 1.36 35.88
CA SER A 362 27.01 2.35 35.01
C SER A 362 26.28 3.66 35.26
N LEU A 363 26.93 4.56 35.99
CA LEU A 363 26.33 5.79 36.47
C LEU A 363 26.93 6.96 35.72
N LYS A 364 26.07 7.82 35.17
CA LYS A 364 26.48 8.92 34.32
C LYS A 364 25.70 10.17 34.71
N ILE A 365 26.43 11.26 34.92
CA ILE A 365 25.81 12.55 35.18
C ILE A 365 25.22 13.08 33.87
N SER A 366 24.04 13.66 33.94
CA SER A 366 23.35 14.08 32.73
C SER A 366 23.95 15.38 32.21
N VAL A 367 23.28 15.95 31.20
CA VAL A 367 23.77 17.15 30.55
C VAL A 367 23.80 18.31 31.54
N ASP A 368 24.57 19.34 31.22
CA ASP A 368 24.65 20.55 32.03
C ASP A 368 23.30 21.23 32.17
N PHE A 378 23.24 20.78 37.85
CA PHE A 378 23.69 19.49 37.36
C PHE A 378 22.91 18.36 38.04
N GLU A 379 22.94 17.18 37.42
CA GLU A 379 22.17 16.04 37.92
C GLU A 379 22.84 14.75 37.50
N VAL A 380 22.46 13.65 38.15
CA VAL A 380 23.07 12.35 37.94
C VAL A 380 21.98 11.35 37.58
N SER A 381 22.34 10.39 36.74
CA SER A 381 21.41 9.36 36.28
C SER A 381 22.18 8.06 36.05
N THR A 382 21.44 7.02 35.66
CA THR A 382 22.02 5.71 35.39
C THR A 382 21.87 5.39 33.90
N MET A 383 22.98 5.03 33.26
CA MET A 383 22.89 4.60 31.87
C MET A 383 22.91 3.08 31.82
N PRO A 384 21.97 2.45 31.11
CA PRO A 384 21.86 0.99 31.13
C PRO A 384 23.20 0.29 30.94
N ASP A 385 23.31 -0.89 31.56
CA ASP A 385 24.59 -1.49 31.93
C ASP A 385 24.94 -2.63 30.98
N PHE A 386 26.00 -2.46 30.19
CA PHE A 386 26.54 -3.59 29.44
C PHE A 386 27.11 -4.66 30.36
N GLY A 387 27.55 -4.29 31.56
CA GLY A 387 28.15 -5.23 32.47
C GLY A 387 29.63 -5.45 32.27
N HIS A 388 30.26 -4.69 31.38
CA HIS A 388 31.61 -4.59 30.84
C HIS A 388 32.40 -3.51 31.58
N PRO A 389 33.68 -3.75 31.88
CA PRO A 389 34.44 -2.75 32.64
C PRO A 389 34.66 -1.44 31.90
N ASP A 390 35.11 -1.49 30.65
CA ASP A 390 35.35 -0.29 29.88
C ASP A 390 34.44 -0.20 28.66
N SER A 403 41.77 5.77 30.01
CA SER A 403 41.56 6.57 28.80
C SER A 403 42.09 7.98 28.98
N LYS A 404 43.41 8.12 28.89
CA LYS A 404 44.08 9.39 29.15
C LYS A 404 44.39 10.09 27.83
N GLU A 405 43.82 11.27 27.64
CA GLU A 405 44.12 12.16 26.52
C GLU A 405 43.91 11.44 25.18
N LYS A 406 42.95 10.51 25.16
CA LYS A 406 42.54 9.90 23.90
C LYS A 406 41.78 10.94 23.11
N THR A 407 42.37 11.40 22.01
CA THR A 407 41.78 12.43 21.16
C THR A 407 41.16 11.79 19.92
N ILE A 408 40.10 11.02 20.16
CA ILE A 408 39.44 10.24 19.12
C ILE A 408 37.93 10.24 19.37
N ASP A 409 37.18 9.73 18.41
CA ASP A 409 35.73 9.87 18.45
C ASP A 409 35.11 9.01 19.55
N LEU A 410 33.96 9.47 20.06
CA LEU A 410 33.15 8.72 21.01
C LEU A 410 31.76 8.52 20.44
N ALA A 411 31.05 7.54 20.99
CA ALA A 411 29.72 7.17 20.52
C ALA A 411 28.71 8.29 20.75
N ASP A 412 29.10 9.33 21.50
CA ASP A 412 28.18 10.44 21.76
C ASP A 412 28.05 11.41 20.60
N GLY A 413 28.87 11.27 19.56
CA GLY A 413 28.67 12.06 18.35
C GLY A 413 29.89 12.79 17.81
N ARG A 414 30.73 13.34 18.68
CA ARG A 414 31.88 14.11 18.20
C ARG A 414 33.17 13.69 18.91
N LYS A 415 34.26 14.42 18.70
CA LYS A 415 35.60 13.90 19.00
C LYS A 415 35.85 13.98 20.50
N MET A 416 35.77 12.84 21.17
CA MET A 416 36.16 12.73 22.57
C MET A 416 37.63 13.03 22.75
N THR A 417 37.93 14.07 23.52
CA THR A 417 39.28 14.35 23.99
C THR A 417 39.26 14.02 25.48
N VAL A 418 39.49 12.76 25.81
CA VAL A 418 39.28 12.26 27.16
C VAL A 418 40.60 12.17 27.90
N SER A 419 40.53 12.23 29.22
CA SER A 419 41.70 12.11 30.08
C SER A 419 41.31 11.28 31.30
N ALA A 420 41.65 9.99 31.27
CA ALA A 420 41.46 9.09 32.41
C ALA A 420 42.77 8.36 32.65
N CYS A 421 43.36 8.55 33.83
CA CYS A 421 44.74 8.13 34.07
C CYS A 421 44.81 6.65 34.35
N CYS A 422 45.78 6.36 35.18
CA CYS A 422 46.44 5.13 35.57
C CYS A 422 45.54 3.91 35.45
N ASP A 423 46.04 2.87 34.79
CA ASP A 423 45.25 1.69 34.46
C ASP A 423 45.83 0.43 35.10
N PHE A 424 46.37 0.56 36.31
CA PHE A 424 46.75 -0.62 37.08
C PHE A 424 45.55 -1.26 37.78
N LEU A 425 44.34 -0.85 37.42
CA LEU A 425 43.12 -1.48 37.90
C LEU A 425 42.08 -1.33 36.80
N THR A 426 41.81 -2.41 36.06
CA THR A 426 40.93 -2.38 34.91
C THR A 426 39.54 -2.93 35.21
N TYR A 427 39.31 -3.47 36.41
CA TYR A 427 38.03 -4.09 36.73
C TYR A 427 36.94 -3.05 36.94
N VAL A 428 37.12 -2.18 37.91
CA VAL A 428 36.24 -1.05 38.09
C VAL A 428 36.82 0.15 37.36
N LYS A 429 35.94 0.99 36.82
CA LYS A 429 36.38 2.19 36.12
C LYS A 429 35.53 3.38 36.57
N LEU A 430 36.15 4.54 36.59
CA LEU A 430 35.47 5.77 37.02
C LEU A 430 36.34 6.96 36.66
N GLY A 431 35.69 8.12 36.63
CA GLY A 431 36.41 9.35 36.40
C GLY A 431 35.83 10.24 35.32
N ARG A 432 36.69 10.69 34.42
CA ARG A 432 36.37 11.75 33.47
C ARG A 432 36.18 11.20 32.07
N ILE A 433 35.05 11.56 31.46
CA ILE A 433 34.82 11.46 30.03
C ILE A 433 34.52 12.86 29.52
N LYS A 434 35.14 13.24 28.41
CA LYS A 434 34.90 14.55 27.81
C LYS A 434 34.89 14.38 26.29
N THR A 435 34.27 15.34 25.61
CA THR A 435 34.10 15.26 24.17
C THR A 435 33.83 16.63 23.55
N GLU A 436 34.68 17.06 22.63
CA GLU A 436 34.51 18.35 21.97
C GLU A 436 34.26 18.14 20.48
N ARG A 437 33.68 19.15 19.85
CA ARG A 437 33.29 19.09 18.45
C ARG A 437 34.51 18.96 17.54
N LYS A 527 20.85 19.99 27.05
CA LYS A 527 21.08 20.27 25.64
C LYS A 527 22.47 19.78 25.25
N GLY A 528 23.45 20.67 25.33
CA GLY A 528 24.83 20.31 25.04
C GLY A 528 25.41 19.38 26.07
N ARG A 529 26.64 18.96 25.81
CA ARG A 529 27.37 18.08 26.72
C ARG A 529 28.77 18.65 26.91
N ASP A 530 29.05 19.15 28.12
CA ASP A 530 30.29 19.85 28.40
C ASP A 530 31.31 18.97 29.12
N ILE A 531 30.97 18.47 30.30
CA ILE A 531 31.88 17.66 31.11
C ILE A 531 31.15 16.38 31.52
N ASP A 532 31.91 15.30 31.67
CA ASP A 532 31.31 14.00 31.92
C ASP A 532 32.02 13.31 33.08
N LEU A 533 31.25 12.95 34.12
CA LEU A 533 31.72 12.08 35.18
C LEU A 533 31.02 10.73 35.02
N PHE A 534 31.79 9.64 35.15
CA PHE A 534 31.21 8.32 35.02
C PHE A 534 31.73 7.40 36.13
N LEU A 535 30.88 6.42 36.47
CA LEU A 535 31.21 5.34 37.39
C LEU A 535 30.70 4.04 36.80
N LYS A 536 31.56 3.30 36.11
CA LYS A 536 31.20 2.00 35.54
C LYS A 536 31.89 0.93 36.38
N GLY A 537 31.14 0.34 37.30
CA GLY A 537 31.70 -0.61 38.22
C GLY A 537 31.00 -1.95 38.23
N ILE A 538 31.76 -3.02 38.05
CA ILE A 538 31.23 -4.38 37.99
C ILE A 538 31.37 -5.01 39.37
N ARG A 539 30.38 -5.81 39.75
CA ARG A 539 30.38 -6.47 41.05
C ARG A 539 31.51 -7.49 41.12
N THR A 540 31.77 -7.96 42.33
CA THR A 540 32.83 -8.93 42.56
C THR A 540 32.44 -10.31 42.04
N ALA A 541 33.41 -11.03 41.51
CA ALA A 541 33.24 -12.45 41.27
C ALA A 541 33.22 -13.16 42.61
N GLU A 542 32.06 -13.71 42.98
CA GLU A 542 31.89 -14.24 44.32
C GLU A 542 32.50 -15.63 44.45
N ALA A 543 33.75 -15.77 44.04
CA ALA A 543 34.45 -17.05 44.19
C ALA A 543 35.89 -16.87 44.66
N ASP A 544 36.47 -15.70 44.47
CA ASP A 544 37.91 -15.54 44.61
C ASP A 544 38.39 -15.62 46.06
N ILE A 545 37.99 -14.64 46.88
CA ILE A 545 38.54 -14.50 48.23
C ILE A 545 37.45 -14.04 49.19
N PRO A 546 37.04 -14.88 50.14
CA PRO A 546 35.88 -14.56 50.98
C PRO A 546 36.15 -13.47 52.00
N LYS A 547 35.19 -13.26 52.90
CA LYS A 547 35.19 -12.16 53.86
C LYS A 547 36.04 -12.43 55.09
N THR A 548 37.05 -13.30 54.99
CA THR A 548 38.01 -13.50 56.06
C THR A 548 39.38 -13.04 55.57
N GLY A 549 39.88 -11.95 56.14
CA GLY A 549 41.16 -11.39 55.74
C GLY A 549 41.21 -9.91 56.07
N THR A 550 42.14 -9.21 55.42
CA THR A 550 42.34 -7.78 55.60
C THR A 550 42.69 -7.14 54.27
N ALA A 551 42.16 -5.94 54.03
CA ALA A 551 42.29 -5.26 52.74
C ALA A 551 42.80 -3.83 52.92
N HIS A 552 43.75 -3.46 52.08
CA HIS A 552 44.29 -2.11 52.00
C HIS A 552 44.16 -1.64 50.55
N TYR A 553 43.25 -0.70 50.30
CA TYR A 553 42.88 -0.29 48.96
C TYR A 553 43.54 1.03 48.60
N THR A 554 44.21 1.05 47.45
CA THR A 554 44.64 2.28 46.80
C THR A 554 44.07 2.33 45.39
N GLY A 555 43.79 3.54 44.90
CA GLY A 555 43.21 3.62 43.58
C GLY A 555 42.87 5.01 43.05
N THR A 556 41.77 5.08 42.30
CA THR A 556 41.40 6.25 41.53
C THR A 556 40.40 7.12 42.28
N TRP A 557 40.38 8.41 41.94
CA TRP A 557 39.64 9.43 42.67
C TRP A 557 39.34 10.56 41.70
N GLU A 558 38.14 11.13 41.77
CA GLU A 558 37.81 12.29 40.96
C GLU A 558 36.71 13.10 41.62
N ALA A 559 36.94 14.40 41.77
CA ALA A 559 35.95 15.30 42.34
C ALA A 559 35.36 16.20 41.26
N ARG A 560 34.11 16.59 41.48
CA ARG A 560 33.42 17.55 40.64
C ARG A 560 32.53 18.41 41.52
N ILE A 561 32.20 19.60 41.02
CA ILE A 561 31.34 20.52 41.75
C ILE A 561 30.17 21.02 40.91
N GLY A 562 30.26 21.02 39.58
CA GLY A 562 29.24 21.59 38.74
C GLY A 562 29.84 22.46 37.65
N GLU A 563 29.38 23.70 37.54
CA GLU A 563 29.93 24.65 36.59
C GLU A 563 31.24 25.29 37.07
N PRO A 564 31.38 25.67 38.34
CA PRO A 564 32.67 26.25 38.79
C PRO A 564 33.84 25.32 38.51
N ILE A 565 35.04 25.92 38.52
CA ILE A 565 36.26 25.20 38.19
C ILE A 565 36.40 23.99 39.12
N GLN A 566 36.61 22.82 38.52
CA GLN A 566 36.63 21.56 39.23
C GLN A 566 38.07 21.08 39.40
N TRP A 567 38.20 19.88 39.96
CA TRP A 567 39.49 19.31 40.33
C TRP A 567 39.63 17.92 39.73
N ASP A 568 40.82 17.34 39.88
CA ASP A 568 41.15 16.09 39.22
C ASP A 568 41.62 15.03 40.22
N ASN A 569 42.16 13.93 39.71
CA ASN A 569 42.62 12.85 40.56
C ASN A 569 43.77 13.30 41.46
N LYS A 570 44.69 14.10 40.92
CA LYS A 570 45.82 14.59 41.68
C LYS A 570 45.48 15.78 42.57
N ALA A 571 44.20 16.06 42.79
CA ALA A 571 43.81 17.12 43.71
C ALA A 571 44.10 16.75 45.16
N ASP A 572 44.21 15.46 45.47
CA ASP A 572 44.61 15.00 46.80
C ASP A 572 46.13 15.02 46.96
N LYS A 573 46.84 15.72 46.09
CA LYS A 573 48.28 15.68 45.88
C LYS A 573 48.72 14.36 45.28
N ALA A 574 47.80 13.41 45.11
CA ALA A 574 48.03 12.10 44.51
C ALA A 574 46.69 11.40 44.38
N ALA A 575 46.52 10.64 43.30
CA ALA A 575 45.30 9.85 43.11
C ALA A 575 45.38 8.65 44.06
N LYS A 576 45.00 8.90 45.31
CA LYS A 576 45.11 7.90 46.37
C LYS A 576 43.80 7.14 46.61
N ALA A 577 42.75 7.84 47.03
CA ALA A 577 41.49 7.23 47.44
C ALA A 577 41.75 6.02 48.36
N GLU A 578 42.33 6.32 49.52
CA GLU A 578 42.92 5.27 50.35
C GLU A 578 41.88 4.68 51.29
N PHE A 579 41.84 3.35 51.37
CA PHE A 579 40.90 2.65 52.23
C PHE A 579 41.64 1.60 53.05
N ASP A 580 41.26 1.49 54.31
CA ASP A 580 41.66 0.37 55.16
C ASP A 580 40.39 -0.33 55.61
N VAL A 581 40.41 -1.67 55.56
CA VAL A 581 39.25 -2.44 56.01
C VAL A 581 39.75 -3.83 56.41
N ASP A 582 39.03 -4.47 57.33
CA ASP A 582 39.24 -5.86 57.69
C ASP A 582 38.06 -6.66 57.16
N PHE A 583 38.35 -7.72 56.40
CA PHE A 583 37.28 -8.54 55.85
C PHE A 583 36.39 -9.11 56.95
N GLY A 584 36.99 -9.76 57.93
CA GLY A 584 36.24 -10.42 58.99
C GLY A 584 35.34 -9.50 59.79
N ASN A 585 35.55 -8.18 59.71
CA ASN A 585 34.72 -7.23 60.42
C ASN A 585 33.97 -6.26 59.52
N LYS A 586 34.38 -6.11 58.26
CA LYS A 586 33.73 -5.21 57.31
C LYS A 586 33.70 -3.78 57.85
N SER A 587 34.90 -3.23 58.04
CA SER A 587 35.08 -1.97 58.75
C SER A 587 35.73 -0.92 57.87
N ILE A 588 35.19 -0.74 56.66
CA ILE A 588 35.75 0.21 55.70
C ILE A 588 35.93 1.57 56.35
N SER A 589 37.12 2.15 56.18
CA SER A 589 37.39 3.52 56.56
C SER A 589 38.56 4.00 55.71
N GLY A 590 38.98 5.25 55.91
CA GLY A 590 40.13 5.73 55.18
C GLY A 590 40.07 7.20 54.83
N THR A 591 40.80 7.61 53.79
CA THR A 591 40.92 9.01 53.42
C THR A 591 40.51 9.21 51.96
N LEU A 592 39.59 10.16 51.78
CA LEU A 592 39.22 10.75 50.49
C LEU A 592 39.35 12.25 50.70
N THR A 593 40.53 12.79 50.39
CA THR A 593 40.84 14.16 50.76
C THR A 593 40.00 15.18 50.00
N GLU A 594 39.59 16.23 50.71
CA GLU A 594 39.00 17.41 50.07
C GLU A 594 40.05 18.50 49.80
N GLN A 595 40.82 18.87 50.82
CA GLN A 595 41.85 19.89 50.66
C GLN A 595 43.26 19.32 50.83
N ASN A 596 43.57 18.74 51.99
CA ASN A 596 44.86 18.08 52.19
C ASN A 596 44.74 17.18 53.41
N GLY A 597 44.81 15.86 53.19
CA GLY A 597 44.80 14.92 54.28
C GLY A 597 43.43 14.38 54.65
N VAL A 598 43.26 13.99 55.92
CA VAL A 598 42.02 13.40 56.39
C VAL A 598 41.17 14.40 57.14
N GLU A 599 41.76 15.12 58.10
CA GLU A 599 40.98 16.09 58.88
C GLU A 599 40.48 17.25 58.03
N PRO A 600 41.29 17.87 57.11
CA PRO A 600 40.74 18.86 56.18
C PRO A 600 39.98 18.21 55.02
N ALA A 601 39.11 17.27 55.37
CA ALA A 601 38.22 16.61 54.42
C ALA A 601 36.92 16.28 55.15
N PHE A 602 36.00 15.63 54.44
CA PHE A 602 34.78 15.19 55.08
C PHE A 602 35.10 14.04 56.04
N ARG A 603 34.78 14.23 57.32
CA ARG A 603 35.21 13.31 58.37
C ARG A 603 34.03 12.42 58.75
N ILE A 604 33.87 11.34 57.99
CA ILE A 604 32.95 10.26 58.34
C ILE A 604 33.64 8.94 58.02
N GLU A 605 33.60 8.02 58.98
CA GLU A 605 34.35 6.77 58.90
C GLU A 605 33.48 5.60 59.34
N ASN A 606 34.10 4.44 59.51
CA ASN A 606 33.45 3.24 60.03
C ASN A 606 32.29 2.81 59.13
N GLY A 607 32.62 2.51 57.88
CA GLY A 607 31.62 2.12 56.91
C GLY A 607 31.27 0.65 56.94
N VAL A 608 30.51 0.24 57.95
CA VAL A 608 30.14 -1.16 58.11
C VAL A 608 29.12 -1.55 57.05
N ILE A 609 29.10 -2.84 56.72
CA ILE A 609 28.19 -3.42 55.75
C ILE A 609 27.24 -4.34 56.50
N GLU A 610 25.95 -4.05 56.44
CA GLU A 610 24.92 -4.89 57.06
C GLU A 610 24.25 -5.72 55.97
N GLY A 611 24.29 -7.03 56.13
CA GLY A 611 23.79 -7.93 55.12
C GLY A 611 24.35 -7.65 53.75
N ASN A 612 23.48 -7.21 52.82
CA ASN A 612 23.95 -6.76 51.51
C ASN A 612 24.20 -5.26 51.52
N GLY A 613 23.26 -4.49 52.07
CA GLY A 613 23.39 -3.04 52.08
C GLY A 613 24.64 -2.58 52.80
N PHE A 614 25.05 -1.36 52.47
CA PHE A 614 26.29 -0.82 53.02
C PHE A 614 26.28 0.70 52.90
N HIS A 615 27.16 1.32 53.68
CA HIS A 615 27.45 2.75 53.55
C HIS A 615 28.90 2.99 53.91
N ALA A 616 29.83 2.58 53.03
CA ALA A 616 31.26 2.85 53.30
C ALA A 616 31.56 4.33 53.17
N THR A 617 32.16 4.89 54.22
CA THR A 617 32.48 6.31 54.28
C THR A 617 33.94 6.48 54.66
N ALA A 618 34.64 7.37 53.96
CA ALA A 618 36.05 7.60 54.21
C ALA A 618 36.48 8.99 53.75
N ALA A 640 27.90 20.66 59.95
CA ALA A 640 28.72 19.76 59.14
C ALA A 640 28.71 18.36 59.72
N ASP A 641 27.69 18.04 60.50
CA ASP A 641 27.52 16.73 61.10
C ASP A 641 26.52 15.91 60.30
N ASN A 642 26.50 14.60 60.59
CA ASN A 642 25.52 13.66 60.02
C ASN A 642 25.62 13.62 58.49
N LEU A 643 26.78 13.17 58.03
CA LEU A 643 27.00 13.01 56.59
C LEU A 643 26.73 11.56 56.17
N LEU A 644 26.90 11.29 54.87
CA LEU A 644 26.54 10.01 54.28
C LEU A 644 27.33 9.83 52.98
N VAL A 645 27.87 8.62 52.79
CA VAL A 645 28.64 8.25 51.60
C VAL A 645 28.37 6.79 51.28
N THR A 646 28.30 6.45 49.99
CA THR A 646 27.99 5.09 49.57
C THR A 646 29.07 4.56 48.64
N GLY A 647 29.09 3.25 48.46
CA GLY A 647 30.12 2.59 47.65
C GLY A 647 29.61 1.36 46.94
N GLY A 648 30.49 0.38 46.78
CA GLY A 648 30.19 -0.86 46.09
C GLY A 648 31.41 -1.72 45.83
N PHE A 649 31.19 -3.02 45.63
CA PHE A 649 32.24 -4.01 45.49
C PHE A 649 32.61 -4.20 44.02
N TYR A 650 33.90 -4.43 43.76
CA TYR A 650 34.39 -4.67 42.41
C TYR A 650 35.54 -5.68 42.45
N GLY A 651 35.94 -6.11 41.26
CA GLY A 651 37.10 -6.98 41.12
C GLY A 651 36.85 -8.39 41.62
N PRO A 652 37.90 -9.04 42.13
CA PRO A 652 37.71 -10.31 42.84
C PRO A 652 36.86 -10.10 44.09
N GLN A 653 36.50 -11.22 44.72
CA GLN A 653 35.53 -11.21 45.81
C GLN A 653 35.93 -10.24 46.92
N ALA A 654 35.16 -9.17 47.08
CA ALA A 654 35.40 -8.11 48.05
C ALA A 654 36.82 -7.55 47.96
N ALA A 655 37.44 -7.62 46.79
CA ALA A 655 38.84 -7.22 46.63
C ALA A 655 39.01 -5.79 46.13
N GLU A 656 37.99 -5.20 45.51
CA GLU A 656 38.04 -3.82 45.07
C GLU A 656 36.84 -3.08 45.62
N LEU A 657 37.02 -1.77 45.83
CA LEU A 657 35.98 -0.97 46.48
C LEU A 657 35.77 0.30 45.67
N GLY A 658 34.62 0.93 45.84
CA GLY A 658 34.47 2.26 45.31
C GLY A 658 33.02 2.65 45.14
N GLY A 659 32.79 3.96 45.13
CA GLY A 659 31.45 4.51 45.02
C GLY A 659 31.46 6.02 44.92
N THR A 660 30.53 6.68 45.62
CA THR A 660 30.39 8.12 45.52
C THR A 660 30.06 8.71 46.88
N ILE A 661 30.46 9.97 47.07
CA ILE A 661 29.97 10.73 48.22
C ILE A 661 28.47 10.93 48.04
N PHE A 662 27.73 10.76 49.13
CA PHE A 662 26.28 10.96 49.09
C PHE A 662 25.93 12.34 49.62
N ASN A 663 26.87 13.26 49.46
CA ASN A 663 26.75 14.62 50.00
C ASN A 663 27.34 15.56 48.95
N LYS A 664 26.49 16.05 48.04
CA LYS A 664 26.91 17.02 47.04
C LYS A 664 26.16 18.33 47.18
N ASP A 665 24.85 18.29 47.11
CA ASP A 665 23.96 19.45 47.17
C ASP A 665 22.80 19.03 48.07
N GLY A 666 21.67 19.71 47.94
CA GLY A 666 20.42 19.09 48.36
C GLY A 666 20.40 17.65 47.90
N LYS A 667 20.53 17.44 46.59
CA LYS A 667 20.75 16.12 46.01
C LYS A 667 22.22 15.73 46.16
N SER A 668 22.61 14.59 45.59
CA SER A 668 23.95 14.08 45.83
C SER A 668 24.42 13.31 44.60
N LEU A 669 25.49 12.52 44.78
CA LEU A 669 25.98 11.59 43.77
C LEU A 669 25.58 10.17 44.16
N GLY A 670 25.58 9.28 43.17
CA GLY A 670 25.40 7.87 43.43
C GLY A 670 24.00 7.33 43.21
N ILE A 671 23.48 6.64 44.22
CA ILE A 671 22.16 6.00 44.16
C ILE A 671 21.11 7.10 44.13
N THR A 672 19.86 6.71 43.88
CA THR A 672 18.73 7.62 43.72
C THR A 672 18.82 8.83 44.64
N GLU A 673 18.69 10.01 44.05
CA GLU A 673 19.14 11.25 44.66
C GLU A 673 18.34 11.57 45.93
N ASP A 674 19.07 11.97 46.98
CA ASP A 674 18.49 12.36 48.26
C ASP A 674 17.97 13.79 48.16
N ILE A 675 16.78 13.93 47.59
CA ILE A 675 16.22 15.25 47.29
C ILE A 675 14.85 15.38 47.98
N GLU A 676 14.78 14.85 49.21
CA GLU A 676 13.68 15.02 50.18
C GLU A 676 12.52 14.05 49.98
N ASN A 677 12.60 13.12 49.04
CA ASN A 677 11.68 11.99 48.93
C ASN A 677 10.23 12.46 48.80
N GLU A 678 9.96 13.13 47.68
CA GLU A 678 8.62 13.59 47.36
C GLU A 678 7.95 12.77 46.26
N VAL A 679 8.59 12.65 45.09
CA VAL A 679 8.11 11.80 44.00
C VAL A 679 9.31 11.17 43.32
N GLU A 680 9.28 9.85 43.14
CA GLU A 680 10.38 9.12 42.52
C GLU A 680 10.34 9.33 40.99
N ASN A 681 10.70 10.55 40.60
CA ASN A 681 10.79 10.94 39.19
C ASN A 681 9.45 10.75 38.47
N GLU A 682 8.35 10.92 39.19
CA GLU A 682 7.02 10.86 38.57
C GLU A 682 6.63 12.14 37.86
N ALA A 683 7.55 13.10 37.75
CA ALA A 683 7.32 14.34 37.04
C ALA A 683 8.66 14.87 36.55
N ASP A 684 8.69 16.13 36.12
CA ASP A 684 9.89 16.77 35.63
C ASP A 684 10.66 17.50 36.73
N VAL A 685 10.55 17.04 37.98
CA VAL A 685 11.14 17.71 39.12
C VAL A 685 12.29 16.92 39.74
N GLY A 686 12.19 15.59 39.77
CA GLY A 686 13.25 14.77 40.33
C GLY A 686 13.40 14.88 41.83
N GLU A 687 12.43 14.32 42.56
CA GLU A 687 12.39 14.43 44.02
C GLU A 687 12.41 13.05 44.68
N GLN A 688 13.37 12.22 44.29
CA GLN A 688 13.33 10.78 44.59
C GLN A 688 13.38 10.51 46.10
N LEU A 689 14.50 10.80 46.75
CA LEU A 689 14.78 10.22 48.06
C LEU A 689 15.07 11.29 49.13
N GLU A 690 15.50 10.81 50.31
CA GLU A 690 15.51 11.46 51.62
C GLU A 690 16.14 12.84 51.65
N PRO A 691 15.81 13.67 52.64
CA PRO A 691 16.36 15.03 52.70
C PRO A 691 17.73 15.06 53.37
N GLU A 692 18.37 16.23 53.29
CA GLU A 692 19.63 16.53 53.98
C GLU A 692 19.88 18.02 53.85
N VAL A 693 21.08 18.46 54.27
CA VAL A 693 21.47 19.86 54.19
C VAL A 693 22.33 20.05 52.94
N LYS A 694 22.61 21.32 52.60
CA LYS A 694 23.19 21.68 51.31
C LYS A 694 24.62 22.21 51.47
N PRO A 695 25.64 21.35 51.39
CA PRO A 695 26.96 21.82 50.94
C PRO A 695 27.03 21.80 49.41
N GLN A 696 28.21 22.07 48.83
CA GLN A 696 28.37 21.98 47.37
C GLN A 696 29.73 21.36 47.05
N PHE A 697 29.77 20.03 46.96
CA PHE A 697 30.99 19.30 46.64
C PHE A 697 30.69 17.82 46.37
N GLY A 698 31.21 17.26 45.28
CA GLY A 698 30.97 15.86 44.98
C GLY A 698 32.25 15.15 44.57
N VAL A 699 32.25 13.84 44.75
CA VAL A 699 33.43 13.02 44.46
C VAL A 699 33.00 11.58 44.22
N VAL A 700 33.68 10.93 43.27
CA VAL A 700 33.55 9.51 42.98
C VAL A 700 34.93 8.86 43.16
N PHE A 701 34.94 7.71 43.82
CA PHE A 701 36.17 7.07 44.26
C PHE A 701 36.15 5.59 43.93
N GLY A 702 37.33 4.99 43.86
CA GLY A 702 37.47 3.55 43.70
C GLY A 702 38.90 3.16 44.00
N ALA A 703 39.12 1.87 44.19
CA ALA A 703 40.44 1.40 44.59
C ALA A 703 40.53 -0.11 44.49
N LYS A 704 41.76 -0.58 44.31
CA LYS A 704 42.15 -1.98 44.28
C LYS A 704 42.83 -2.38 45.58
N LYS A 705 42.91 -3.69 45.79
CA LYS A 705 43.56 -4.24 46.98
C LYS A 705 45.06 -4.32 46.78
N ASP A 706 45.79 -4.21 47.89
CA ASP A 706 47.24 -4.35 47.89
C ASP A 706 47.67 -5.21 49.06
N ASN A 707 48.74 -5.98 48.84
CA ASN A 707 49.33 -6.81 49.89
C ASN A 707 50.67 -7.38 49.40
N ARG B 4 -25.55 28.73 -1.21
CA ARG B 4 -24.28 29.43 -1.25
C ARG B 4 -24.15 30.26 -2.52
N SER B 5 -23.32 31.30 -2.47
CA SER B 5 -23.03 32.09 -3.64
C SER B 5 -22.32 31.24 -4.69
N VAL B 6 -22.98 31.00 -5.81
CA VAL B 6 -22.43 30.21 -6.90
C VAL B 6 -21.99 31.16 -8.01
N GLN B 7 -20.74 31.04 -8.43
CA GLN B 7 -20.14 31.95 -9.37
C GLN B 7 -20.22 31.41 -10.79
N TRP B 8 -19.53 32.07 -11.72
CA TRP B 8 -19.42 31.62 -13.10
C TRP B 8 -18.30 32.39 -13.76
N CYS B 9 -17.62 31.75 -14.69
CA CYS B 9 -16.37 32.26 -15.24
C CYS B 9 -16.56 32.62 -16.70
N ALA B 10 -16.76 33.91 -16.99
CA ALA B 10 -16.94 34.36 -18.36
C ALA B 10 -15.60 34.35 -19.10
N VAL B 11 -15.67 34.35 -20.43
CA VAL B 11 -14.49 34.42 -21.27
C VAL B 11 -14.65 35.53 -22.30
N SER B 12 -15.89 35.87 -22.62
CA SER B 12 -16.21 36.79 -23.70
C SER B 12 -16.60 38.16 -23.19
N GLN B 13 -15.87 38.70 -22.22
CA GLN B 13 -16.37 39.81 -21.40
C GLN B 13 -17.04 40.96 -22.15
N PRO B 14 -16.69 41.32 -23.40
CA PRO B 14 -17.58 42.25 -24.12
C PRO B 14 -18.97 41.69 -24.24
N GLU B 15 -19.10 40.43 -24.63
CA GLU B 15 -20.39 39.76 -24.65
C GLU B 15 -20.75 39.18 -23.30
N ALA B 16 -20.11 39.59 -22.21
CA ALA B 16 -20.54 39.13 -20.90
C ALA B 16 -21.83 39.85 -20.54
N THR B 17 -22.88 39.58 -21.30
CA THR B 17 -24.22 40.04 -21.00
C THR B 17 -25.21 38.90 -20.85
N LYS B 18 -24.91 37.72 -21.38
CA LYS B 18 -25.64 36.51 -21.05
C LYS B 18 -25.15 35.96 -19.71
N CYS B 19 -24.35 36.77 -19.04
CA CYS B 19 -23.97 36.49 -17.66
C CYS B 19 -24.74 37.38 -16.71
N PHE B 20 -24.64 38.70 -16.91
CA PHE B 20 -25.34 39.60 -16.01
C PHE B 20 -26.83 39.31 -16.02
N GLN B 21 -27.45 39.33 -17.20
CA GLN B 21 -28.88 39.09 -17.32
C GLN B 21 -29.35 37.90 -16.51
N TRP B 22 -28.50 36.89 -16.37
CA TRP B 22 -28.84 35.69 -15.62
C TRP B 22 -29.10 36.01 -14.15
N GLN B 23 -28.09 36.48 -13.43
CA GLN B 23 -28.31 36.80 -12.02
C GLN B 23 -29.28 37.97 -11.88
N ARG B 24 -29.35 38.85 -12.87
CA ARG B 24 -30.25 39.99 -12.78
C ARG B 24 -31.71 39.54 -12.84
N ASN B 25 -32.11 38.91 -13.94
CA ASN B 25 -33.44 38.34 -14.03
C ASN B 25 -33.42 36.93 -13.48
N MET B 26 -32.72 36.76 -12.36
CA MET B 26 -33.03 35.69 -11.42
C MET B 26 -33.16 36.29 -10.03
N ARG B 27 -32.51 37.43 -9.82
CA ARG B 27 -32.64 38.19 -8.58
C ARG B 27 -33.93 38.96 -8.53
N LYS B 28 -34.40 39.43 -9.68
CA LYS B 28 -35.76 39.97 -9.74
C LYS B 28 -36.78 38.90 -9.42
N VAL B 29 -36.41 37.62 -9.52
CA VAL B 29 -37.27 36.57 -8.98
C VAL B 29 -36.93 36.34 -7.50
N ARG B 30 -35.76 35.73 -7.23
CA ARG B 30 -35.19 35.84 -5.89
C ARG B 30 -33.68 36.06 -5.94
N GLY B 31 -32.98 35.26 -6.77
CA GLY B 31 -31.57 35.42 -6.99
C GLY B 31 -30.66 34.71 -6.00
N PRO B 32 -29.87 33.75 -6.49
CA PRO B 32 -28.66 33.36 -5.77
C PRO B 32 -27.55 34.37 -6.03
N PRO B 33 -26.61 34.51 -5.11
CA PRO B 33 -25.60 35.58 -5.26
C PRO B 33 -24.57 35.31 -6.34
N VAL B 34 -25.04 35.11 -7.58
CA VAL B 34 -24.16 34.76 -8.68
C VAL B 34 -23.34 35.97 -9.11
N SER B 35 -22.20 35.71 -9.76
CA SER B 35 -21.38 36.74 -10.35
C SER B 35 -20.49 36.11 -11.40
N CYS B 36 -20.04 36.92 -12.35
CA CYS B 36 -19.00 36.50 -13.26
C CYS B 36 -17.64 37.01 -12.81
N ILE B 37 -16.60 36.24 -13.11
CA ILE B 37 -15.22 36.60 -12.80
C ILE B 37 -14.48 36.50 -14.14
N LYS B 38 -14.45 37.59 -14.87
CA LYS B 38 -14.11 37.54 -16.30
C LYS B 38 -12.62 37.36 -16.54
N ARG B 39 -12.30 36.83 -17.71
CA ARG B 39 -10.94 36.85 -18.25
C ARG B 39 -11.01 36.90 -19.76
N ASP B 40 -9.85 36.98 -20.38
CA ASP B 40 -9.78 37.02 -21.84
C ASP B 40 -9.87 35.63 -22.46
N SER B 41 -9.08 34.68 -21.97
CA SER B 41 -9.01 33.34 -22.53
C SER B 41 -9.62 32.33 -21.59
N PRO B 42 -10.15 31.23 -22.11
CA PRO B 42 -10.77 30.23 -21.21
C PRO B 42 -9.80 29.60 -20.24
N ILE B 43 -8.55 29.37 -20.66
CA ILE B 43 -7.58 28.70 -19.80
C ILE B 43 -7.46 29.41 -18.47
N GLN B 44 -7.59 30.74 -18.46
CA GLN B 44 -7.64 31.46 -17.19
C GLN B 44 -8.83 31.01 -16.36
N CYS B 45 -9.94 30.67 -17.02
CA CYS B 45 -11.10 30.19 -16.28
C CYS B 45 -10.84 28.80 -15.68
N ILE B 46 -10.22 27.91 -16.45
CA ILE B 46 -9.88 26.60 -15.91
C ILE B 46 -8.96 26.75 -14.71
N GLN B 47 -7.95 27.61 -14.83
CA GLN B 47 -7.10 27.92 -13.70
C GLN B 47 -7.91 28.38 -12.50
N ALA B 48 -8.74 29.41 -12.71
CA ALA B 48 -9.47 30.02 -11.61
C ALA B 48 -10.34 29.01 -10.88
N ILE B 49 -11.04 28.15 -11.62
CA ILE B 49 -11.88 27.15 -10.97
C ILE B 49 -11.00 26.16 -10.20
N ALA B 50 -9.93 25.67 -10.83
CA ALA B 50 -8.98 24.85 -10.08
C ALA B 50 -8.37 25.65 -8.92
N GLU B 51 -8.14 26.94 -9.13
CA GLU B 51 -7.65 27.83 -8.08
C GLU B 51 -8.76 28.30 -7.14
N ASN B 52 -9.92 27.66 -7.16
CA ASN B 52 -11.02 27.97 -6.26
C ASN B 52 -11.56 29.37 -6.48
N ARG B 53 -11.42 29.90 -7.70
CA ARG B 53 -11.85 31.26 -7.99
C ARG B 53 -13.13 31.33 -8.80
N ALA B 54 -13.63 30.20 -9.29
CA ALA B 54 -14.91 30.18 -9.99
C ALA B 54 -15.45 28.76 -9.96
N ASP B 55 -16.73 28.63 -10.26
CA ASP B 55 -17.44 27.36 -10.11
C ASP B 55 -17.51 26.56 -11.40
N ALA B 56 -17.82 27.19 -12.53
CA ALA B 56 -18.17 26.44 -13.72
C ALA B 56 -18.13 27.26 -14.98
N VAL B 57 -17.52 26.72 -16.03
CA VAL B 57 -17.63 27.24 -17.38
C VAL B 57 -17.64 26.06 -18.34
N THR B 58 -18.52 26.12 -19.32
CA THR B 58 -18.63 25.00 -20.25
C THR B 58 -17.49 25.00 -21.24
N LEU B 59 -17.00 23.82 -21.57
CA LEU B 59 -15.87 23.67 -22.47
C LEU B 59 -16.22 22.68 -23.56
N ASP B 60 -15.66 22.89 -24.74
CA ASP B 60 -15.82 21.97 -25.85
C ASP B 60 -14.94 20.76 -25.61
N GLY B 61 -14.67 19.97 -26.64
CA GLY B 61 -13.88 18.77 -26.41
C GLY B 61 -12.44 19.01 -25.98
N GLY B 62 -11.64 19.57 -26.89
CA GLY B 62 -10.24 19.76 -26.59
C GLY B 62 -10.00 20.54 -25.32
N PHE B 63 -10.84 21.52 -25.05
CA PHE B 63 -10.67 22.30 -23.84
C PHE B 63 -11.01 21.51 -22.59
N ILE B 64 -11.97 20.59 -22.65
CA ILE B 64 -12.17 19.74 -21.48
C ILE B 64 -10.94 18.89 -21.25
N TYR B 65 -10.38 18.32 -22.32
CA TYR B 65 -9.18 17.52 -22.16
C TYR B 65 -8.07 18.31 -21.49
N GLU B 66 -7.75 19.50 -22.03
CA GLU B 66 -6.73 20.34 -21.42
C GLU B 66 -7.09 20.77 -20.01
N ALA B 67 -8.39 20.91 -19.71
CA ALA B 67 -8.82 21.30 -18.39
C ALA B 67 -8.82 20.16 -17.41
N GLY B 68 -8.64 18.93 -17.88
CA GLY B 68 -8.70 17.79 -17.00
C GLY B 68 -7.39 17.37 -16.38
N LEU B 69 -6.37 17.18 -17.22
CA LEU B 69 -5.13 16.58 -16.73
C LEU B 69 -4.49 17.44 -15.66
N ALA B 70 -3.53 16.85 -14.97
CA ALA B 70 -2.86 17.51 -13.86
C ALA B 70 -2.32 18.86 -14.30
N PRO B 71 -2.26 19.85 -13.40
CA PRO B 71 -2.61 19.77 -11.98
C PRO B 71 -3.91 20.45 -11.56
N TYR B 72 -4.98 20.28 -12.35
CA TYR B 72 -6.26 20.88 -12.04
C TYR B 72 -7.36 19.86 -11.78
N LYS B 73 -7.45 18.83 -12.62
CA LYS B 73 -8.38 17.70 -12.45
C LYS B 73 -9.83 18.17 -12.36
N LEU B 74 -10.29 18.69 -13.50
CA LEU B 74 -11.67 19.14 -13.61
C LEU B 74 -12.58 18.02 -14.09
N ARG B 75 -13.83 18.05 -13.62
CA ARG B 75 -14.81 17.01 -13.85
C ARG B 75 -16.12 17.63 -14.32
N PRO B 76 -16.70 17.16 -15.42
CA PRO B 76 -17.99 17.70 -15.87
C PRO B 76 -19.09 17.38 -14.86
N VAL B 77 -20.23 18.06 -15.00
CA VAL B 77 -21.39 17.66 -14.21
C VAL B 77 -22.65 17.55 -15.06
N ALA B 78 -22.72 18.26 -16.16
CA ALA B 78 -24.01 18.45 -16.85
C ALA B 78 -23.78 18.53 -18.36
N ALA B 79 -24.19 17.49 -19.08
CA ALA B 79 -23.90 17.34 -20.49
C ALA B 79 -25.05 17.88 -21.32
N GLU B 80 -24.78 18.92 -22.09
CA GLU B 80 -25.87 19.64 -22.73
C GLU B 80 -26.56 18.79 -23.79
N VAL B 81 -27.80 19.16 -24.10
CA VAL B 81 -28.67 18.38 -24.98
C VAL B 81 -28.91 19.16 -26.27
N TYR B 82 -28.86 18.46 -27.39
CA TYR B 82 -28.94 19.07 -28.71
C TYR B 82 -30.04 18.37 -29.50
N GLY B 83 -30.99 19.15 -30.00
CA GLY B 83 -32.07 18.62 -30.79
C GLY B 83 -33.41 19.13 -30.29
N THR B 84 -34.47 18.59 -30.89
CA THR B 84 -35.83 19.03 -30.58
C THR B 84 -36.27 18.49 -29.22
N GLU B 85 -37.15 19.26 -28.57
CA GLU B 85 -37.66 18.91 -27.25
C GLU B 85 -38.34 17.55 -27.23
N ARG B 86 -38.69 17.01 -28.39
CA ARG B 86 -39.25 15.66 -28.44
C ARG B 86 -38.15 14.62 -28.44
N GLN B 87 -37.15 14.81 -29.30
CA GLN B 87 -36.09 13.84 -29.51
C GLN B 87 -34.77 14.44 -29.07
N PRO B 88 -34.39 14.33 -27.80
CA PRO B 88 -33.16 14.99 -27.32
C PRO B 88 -31.93 14.11 -27.42
N ARG B 89 -30.79 14.67 -27.82
CA ARG B 89 -29.51 13.97 -27.78
C ARG B 89 -28.41 14.92 -27.34
N THR B 90 -27.23 14.34 -27.09
CA THR B 90 -26.06 15.08 -26.59
C THR B 90 -24.81 14.78 -27.40
N HIS B 91 -24.96 14.25 -28.60
CA HIS B 91 -23.84 13.89 -29.46
C HIS B 91 -23.85 14.83 -30.65
N TYR B 92 -23.24 16.01 -30.51
CA TYR B 92 -23.22 16.86 -31.69
C TYR B 92 -22.12 16.39 -32.64
N TYR B 93 -22.16 16.90 -33.86
CA TYR B 93 -21.25 16.41 -34.87
C TYR B 93 -20.32 17.53 -35.31
N ALA B 94 -19.27 17.15 -36.02
CA ALA B 94 -18.33 18.11 -36.60
C ALA B 94 -18.18 17.80 -38.07
N VAL B 95 -18.41 18.81 -38.92
CA VAL B 95 -18.41 18.63 -40.35
C VAL B 95 -17.55 19.71 -41.00
N ALA B 96 -17.44 19.61 -42.32
CA ALA B 96 -16.60 20.48 -43.14
C ALA B 96 -17.44 21.03 -44.28
N VAL B 97 -17.72 22.33 -44.23
CA VAL B 97 -18.57 22.99 -45.21
C VAL B 97 -17.67 23.56 -46.30
N VAL B 98 -18.20 23.71 -47.52
CA VAL B 98 -17.41 24.10 -48.67
C VAL B 98 -18.10 25.17 -49.48
N LYS B 99 -17.51 25.53 -50.61
CA LYS B 99 -18.10 26.48 -51.55
C LYS B 99 -19.23 25.82 -52.33
N LYS B 100 -19.73 26.52 -53.34
CA LYS B 100 -20.87 26.02 -54.11
C LYS B 100 -20.53 24.70 -54.79
N GLY B 101 -19.61 24.74 -55.75
CA GLY B 101 -19.15 23.54 -56.38
C GLY B 101 -17.84 23.04 -55.79
N GLY B 102 -16.87 23.95 -55.70
CA GLY B 102 -15.59 23.63 -55.07
C GLY B 102 -14.72 22.70 -55.89
N SER B 103 -15.24 21.51 -56.19
CA SER B 103 -14.59 20.44 -56.94
C SER B 103 -13.44 19.79 -56.16
N PHE B 104 -13.23 20.16 -54.91
CA PHE B 104 -12.18 19.59 -54.08
C PHE B 104 -12.78 18.64 -53.06
N GLN B 105 -12.09 17.53 -52.81
CA GLN B 105 -12.41 16.61 -51.74
C GLN B 105 -11.41 16.78 -50.62
N LEU B 106 -11.79 16.31 -49.43
CA LEU B 106 -10.97 16.50 -48.24
C LEU B 106 -9.56 15.95 -48.38
N ASN B 107 -9.33 15.04 -49.32
CA ASN B 107 -7.99 14.48 -49.48
C ASN B 107 -7.07 15.34 -50.33
N GLU B 108 -7.56 16.43 -50.93
CA GLU B 108 -6.70 17.34 -51.69
C GLU B 108 -6.92 18.77 -51.20
N LEU B 109 -6.16 19.14 -50.18
CA LEU B 109 -6.21 20.47 -49.57
C LEU B 109 -4.81 21.05 -49.44
N GLN B 110 -4.07 21.01 -50.54
CA GLN B 110 -2.71 21.52 -50.58
C GLN B 110 -2.78 22.98 -51.04
N GLY B 111 -2.47 23.91 -50.15
CA GLY B 111 -2.48 25.31 -50.49
C GLY B 111 -3.84 25.97 -50.46
N LEU B 112 -4.92 25.21 -50.44
CA LEU B 112 -6.26 25.78 -50.34
C LEU B 112 -6.39 26.58 -49.05
N LYS B 113 -7.37 27.47 -49.01
CA LYS B 113 -7.46 28.51 -47.99
C LYS B 113 -8.54 28.13 -46.98
N SER B 114 -8.12 27.64 -45.83
CA SER B 114 -9.02 27.04 -44.85
C SER B 114 -9.52 28.06 -43.84
N CYS B 115 -10.52 27.64 -43.06
CA CYS B 115 -11.06 28.45 -41.98
C CYS B 115 -11.42 27.49 -40.84
N HIS B 116 -10.54 27.40 -39.86
CA HIS B 116 -10.79 26.61 -38.66
C HIS B 116 -11.56 27.48 -37.68
N THR B 117 -11.87 26.95 -36.50
CA THR B 117 -12.79 27.63 -35.60
C THR B 117 -12.19 27.98 -34.26
N GLY B 118 -10.97 27.53 -33.96
CA GLY B 118 -10.37 27.82 -32.68
C GLY B 118 -9.30 26.81 -32.36
N LEU B 119 -8.21 27.24 -31.71
CA LEU B 119 -7.14 26.31 -31.44
C LEU B 119 -7.62 25.21 -30.50
N ARG B 120 -7.29 23.97 -30.85
CA ARG B 120 -7.67 22.75 -30.12
C ARG B 120 -9.15 22.76 -29.71
N ARG B 121 -10.00 22.76 -30.72
CA ARG B 121 -11.42 22.44 -30.59
C ARG B 121 -11.76 21.31 -31.55
N THR B 122 -12.81 20.56 -31.24
CA THR B 122 -13.06 19.29 -31.91
C THR B 122 -13.82 19.44 -33.21
N ALA B 123 -14.15 20.65 -33.61
CA ALA B 123 -14.67 20.90 -34.94
C ALA B 123 -13.78 21.84 -35.73
N GLY B 124 -12.81 22.48 -35.08
CA GLY B 124 -11.89 23.35 -35.77
C GLY B 124 -10.49 22.80 -35.87
N TRP B 125 -9.96 22.20 -34.81
CA TRP B 125 -8.56 21.83 -34.80
C TRP B 125 -8.31 20.33 -34.65
N ASN B 126 -8.81 19.69 -33.60
CA ASN B 126 -8.33 18.34 -33.28
C ASN B 126 -8.87 17.31 -34.27
N VAL B 127 -10.18 17.19 -34.38
CA VAL B 127 -10.76 16.31 -35.38
C VAL B 127 -10.26 16.61 -36.78
N PRO B 128 -10.26 17.86 -37.27
CA PRO B 128 -9.80 18.07 -38.65
C PRO B 128 -8.34 17.69 -38.86
N ILE B 129 -7.44 18.18 -38.00
CA ILE B 129 -6.03 17.81 -38.10
C ILE B 129 -5.88 16.29 -38.13
N GLY B 130 -6.40 15.61 -37.10
CA GLY B 130 -6.31 14.17 -37.09
C GLY B 130 -6.89 13.53 -38.33
N THR B 131 -7.88 14.17 -38.94
CA THR B 131 -8.47 13.62 -40.16
C THR B 131 -7.48 13.67 -41.31
N LEU B 132 -6.73 14.75 -41.41
CA LEU B 132 -5.78 14.98 -42.50
C LEU B 132 -4.34 14.80 -42.06
N ARG B 133 -4.10 14.28 -40.86
CA ARG B 133 -2.74 14.12 -40.38
C ARG B 133 -1.84 13.27 -41.29
N PRO B 134 -2.33 12.23 -41.97
CA PRO B 134 -1.43 11.48 -42.86
C PRO B 134 -0.95 12.29 -44.06
N PHE B 135 -1.30 13.57 -44.12
CA PHE B 135 -0.90 14.40 -45.24
C PHE B 135 0.13 15.47 -44.88
N LEU B 136 0.22 15.88 -43.62
CA LEU B 136 1.18 16.93 -43.28
C LEU B 136 2.60 16.36 -43.20
N ASN B 137 2.76 15.15 -42.69
CA ASN B 137 4.04 14.45 -42.66
C ASN B 137 5.09 15.24 -41.86
N TRP B 138 4.85 15.35 -40.56
CA TRP B 138 5.73 16.11 -39.68
C TRP B 138 6.48 15.17 -38.73
N THR B 139 7.80 15.12 -38.87
CA THR B 139 8.68 14.48 -37.90
C THR B 139 8.78 15.41 -36.70
N GLY B 140 7.74 15.41 -35.88
CA GLY B 140 7.61 16.39 -34.84
C GLY B 140 7.90 16.01 -33.40
N PRO B 141 9.14 15.67 -33.07
CA PRO B 141 9.61 15.93 -31.71
C PRO B 141 9.91 17.41 -31.49
N PRO B 142 10.60 18.08 -32.45
CA PRO B 142 10.49 19.53 -32.52
C PRO B 142 9.40 19.93 -33.50
N GLU B 143 9.25 21.23 -33.78
CA GLU B 143 8.33 21.69 -34.81
C GLU B 143 6.90 21.24 -34.53
N PRO B 144 6.23 21.83 -33.53
CA PRO B 144 4.82 21.48 -33.29
C PRO B 144 3.94 21.66 -34.52
N ILE B 145 2.72 21.14 -34.43
CA ILE B 145 1.81 21.05 -35.58
C ILE B 145 1.46 22.42 -36.14
N GLU B 146 1.34 23.42 -35.27
CA GLU B 146 0.50 24.59 -35.50
C GLU B 146 0.58 25.13 -36.93
N ALA B 147 1.77 25.49 -37.37
CA ALA B 147 2.00 25.76 -38.80
C ALA B 147 3.30 25.20 -39.31
N ALA B 148 4.26 24.89 -38.43
CA ALA B 148 5.51 24.29 -38.85
C ALA B 148 5.28 23.12 -39.78
N VAL B 149 4.12 22.48 -39.66
CA VAL B 149 3.66 21.56 -40.69
C VAL B 149 2.31 21.95 -41.24
N ALA B 150 1.67 22.98 -40.72
CA ALA B 150 0.55 23.54 -41.46
C ALA B 150 1.03 24.60 -42.43
N ARG B 151 2.13 24.26 -43.09
CA ARG B 151 2.45 24.84 -44.38
C ARG B 151 1.60 24.23 -45.48
N PHE B 152 0.96 23.09 -45.21
CA PHE B 152 0.15 22.36 -46.18
C PHE B 152 -0.78 23.30 -46.92
N PHE B 153 -1.66 23.96 -46.19
CA PHE B 153 -2.41 25.07 -46.75
C PHE B 153 -1.50 26.29 -46.85
N SER B 154 -1.63 27.04 -47.93
CA SER B 154 -0.91 28.30 -48.04
C SER B 154 -1.58 29.39 -47.22
N ALA B 155 -2.86 29.60 -47.47
CA ALA B 155 -3.65 30.54 -46.69
C ALA B 155 -4.45 29.76 -45.64
N SER B 156 -4.60 30.37 -44.46
CA SER B 156 -5.25 29.67 -43.36
C SER B 156 -5.60 30.68 -42.29
N CYS B 157 -6.77 30.53 -41.69
CA CYS B 157 -7.17 31.32 -40.54
C CYS B 157 -7.47 30.38 -39.39
N VAL B 158 -6.86 30.65 -38.24
CA VAL B 158 -7.07 29.87 -37.03
C VAL B 158 -6.98 30.84 -35.86
N PRO B 159 -8.11 31.36 -35.38
CA PRO B 159 -8.07 32.33 -34.28
C PRO B 159 -7.37 31.75 -33.06
N GLY B 160 -7.05 32.64 -32.13
CA GLY B 160 -6.37 32.26 -30.92
C GLY B 160 -4.94 31.80 -31.09
N ALA B 161 -4.47 31.65 -32.32
CA ALA B 161 -3.11 31.20 -32.55
C ALA B 161 -2.12 32.27 -32.12
N ASP B 162 -0.92 31.83 -31.78
CA ASP B 162 0.16 32.76 -31.47
C ASP B 162 0.52 33.49 -32.77
N LYS B 163 0.16 34.77 -32.84
CA LYS B 163 0.39 35.53 -34.07
C LYS B 163 1.88 35.60 -34.40
N GLY B 164 2.72 35.74 -33.36
CA GLY B 164 4.14 35.98 -33.61
C GLY B 164 4.83 34.81 -34.29
N GLN B 165 4.61 33.60 -33.76
CA GLN B 165 5.41 32.45 -34.19
C GLN B 165 5.29 32.21 -35.68
N PHE B 166 4.06 32.09 -36.18
CA PHE B 166 3.92 31.63 -37.55
C PHE B 166 3.12 32.61 -38.40
N PRO B 167 3.42 32.70 -39.69
CA PRO B 167 2.80 33.75 -40.52
C PRO B 167 1.41 33.42 -41.00
N ASN B 168 1.15 32.15 -41.30
CA ASN B 168 -0.09 31.78 -41.96
C ASN B 168 -1.28 31.82 -41.01
N LEU B 169 -1.10 31.43 -39.76
CA LEU B 169 -2.26 31.09 -38.95
C LEU B 169 -3.12 32.23 -38.60
N CYS B 170 -2.92 33.49 -39.02
CA CYS B 170 -4.04 34.42 -39.00
C CYS B 170 -3.98 35.43 -40.14
N ARG B 171 -3.45 35.04 -41.30
CA ARG B 171 -3.57 35.91 -42.46
C ARG B 171 -5.03 36.14 -42.82
N LEU B 172 -5.77 35.06 -43.11
CA LEU B 172 -7.18 35.20 -43.44
C LEU B 172 -8.01 35.64 -42.25
N CYS B 173 -7.46 35.59 -41.04
CA CYS B 173 -8.17 36.08 -39.86
C CYS B 173 -8.14 37.60 -39.86
N ALA B 174 -9.12 38.22 -40.52
CA ALA B 174 -9.14 39.68 -40.65
C ALA B 174 -9.52 40.29 -39.31
N GLY B 175 -8.51 40.50 -38.48
CA GLY B 175 -8.75 41.01 -37.14
C GLY B 175 -8.55 42.50 -36.97
N THR B 176 -7.88 43.13 -37.95
CA THR B 176 -7.75 44.59 -38.02
C THR B 176 -7.10 45.16 -36.75
N GLY B 177 -5.84 44.78 -36.56
CA GLY B 177 -5.08 45.28 -35.43
C GLY B 177 -4.46 44.17 -34.62
N GLU B 178 -4.10 44.46 -33.36
CA GLU B 178 -3.52 43.43 -32.49
C GLU B 178 -4.46 42.24 -32.34
N ASN B 179 -5.75 42.42 -32.63
CA ASN B 179 -6.72 41.33 -32.67
C ASN B 179 -6.74 40.62 -34.01
N LYS B 180 -5.66 40.74 -34.79
CA LYS B 180 -5.57 40.03 -36.06
C LYS B 180 -5.68 38.51 -35.87
N CYS B 181 -5.41 38.05 -34.65
CA CYS B 181 -5.13 36.64 -34.42
C CYS B 181 -5.86 36.16 -33.18
N ALA B 182 -6.64 37.04 -32.56
CA ALA B 182 -6.99 36.88 -31.17
C ALA B 182 -8.01 35.75 -30.98
N PHE B 183 -8.03 35.21 -29.77
CA PHE B 183 -9.02 34.25 -29.32
C PHE B 183 -10.13 34.96 -28.56
N SER B 184 -10.63 36.03 -29.17
CA SER B 184 -11.48 36.99 -28.48
C SER B 184 -12.90 36.91 -28.99
N SER B 185 -13.74 37.77 -28.43
CA SER B 185 -15.10 37.96 -28.91
C SER B 185 -15.17 38.97 -30.05
N GLN B 186 -14.04 39.56 -30.43
CA GLN B 186 -13.98 40.56 -31.49
C GLN B 186 -13.10 40.09 -32.64
N GLU B 187 -13.15 38.80 -32.93
CA GLU B 187 -12.51 38.24 -34.11
C GLU B 187 -13.60 37.91 -35.12
N PRO B 188 -13.67 38.59 -36.24
CA PRO B 188 -14.82 38.43 -37.13
C PRO B 188 -14.90 37.05 -37.77
N TYR B 189 -13.96 36.17 -37.45
CA TYR B 189 -13.88 34.85 -38.03
C TYR B 189 -13.60 33.80 -36.95
N PHE B 190 -14.29 33.89 -35.82
CA PHE B 190 -13.92 33.09 -34.65
C PHE B 190 -14.76 31.82 -34.48
N SER B 191 -16.06 31.96 -34.25
CA SER B 191 -16.90 30.81 -33.95
C SER B 191 -17.33 30.13 -35.24
N TYR B 192 -18.30 29.21 -35.14
CA TYR B 192 -18.86 28.59 -36.33
C TYR B 192 -19.38 29.65 -37.30
N SER B 193 -19.94 30.73 -36.78
CA SER B 193 -20.45 31.79 -37.66
C SER B 193 -19.31 32.55 -38.31
N GLY B 194 -18.23 32.82 -37.57
CA GLY B 194 -17.11 33.51 -38.17
C GLY B 194 -16.33 32.63 -39.13
N ALA B 195 -16.03 31.41 -38.70
CA ALA B 195 -15.38 30.48 -39.59
C ALA B 195 -16.37 29.86 -40.56
N PHE B 196 -17.57 30.44 -40.66
CA PHE B 196 -18.48 30.15 -41.76
C PHE B 196 -18.64 31.32 -42.71
N LYS B 197 -18.55 32.55 -42.22
CA LYS B 197 -18.41 33.72 -43.06
C LYS B 197 -17.07 33.73 -43.77
N CYS B 198 -16.06 33.09 -43.17
CA CYS B 198 -14.79 32.84 -43.84
C CYS B 198 -14.94 31.92 -45.05
N LEU B 199 -16.14 31.40 -45.27
CA LEU B 199 -16.48 30.73 -46.51
C LEU B 199 -17.60 31.43 -47.27
N ARG B 200 -18.52 32.11 -46.58
CA ARG B 200 -19.51 32.94 -47.26
C ARG B 200 -18.88 34.13 -47.96
N ASP B 201 -17.88 34.76 -47.32
CA ASP B 201 -17.12 35.82 -47.97
C ASP B 201 -16.21 35.29 -49.08
N GLY B 202 -16.16 33.98 -49.28
CA GLY B 202 -15.34 33.39 -50.32
C GLY B 202 -13.85 33.59 -50.14
N ALA B 203 -13.45 34.23 -49.04
CA ALA B 203 -12.03 34.48 -48.80
C ALA B 203 -11.25 33.16 -48.78
N GLY B 204 -11.86 32.11 -48.24
CA GLY B 204 -11.30 30.78 -48.32
C GLY B 204 -12.37 29.82 -48.77
N ASP B 205 -12.14 28.52 -48.71
CA ASP B 205 -13.23 27.61 -49.04
C ASP B 205 -13.67 26.74 -47.86
N VAL B 206 -12.77 25.92 -47.33
CA VAL B 206 -13.21 24.90 -46.39
C VAL B 206 -13.41 25.49 -45.00
N ALA B 207 -14.65 25.51 -44.55
CA ALA B 207 -14.97 25.86 -43.17
C ALA B 207 -15.03 24.57 -42.36
N PHE B 208 -14.52 24.62 -41.14
CA PHE B 208 -14.55 23.43 -40.29
C PHE B 208 -15.41 23.71 -39.06
N ILE B 209 -16.68 23.30 -39.12
CA ILE B 209 -17.66 23.74 -38.12
C ILE B 209 -18.71 22.67 -37.87
N ARG B 210 -19.56 22.89 -36.86
CA ARG B 210 -20.63 21.96 -36.53
C ARG B 210 -21.61 21.78 -37.68
N GLU B 211 -22.50 20.84 -37.47
CA GLU B 211 -23.58 20.57 -38.42
C GLU B 211 -24.81 21.42 -38.15
N SER B 212 -24.88 22.09 -37.01
CA SER B 212 -26.06 22.84 -36.61
C SER B 212 -25.92 24.32 -36.91
N THR B 213 -25.26 24.67 -38.00
CA THR B 213 -25.15 26.07 -38.40
C THR B 213 -25.67 26.33 -39.81
N VAL B 214 -25.40 25.43 -40.76
CA VAL B 214 -25.90 25.58 -42.12
C VAL B 214 -27.40 25.86 -42.13
N PHE B 215 -28.12 25.37 -41.13
CA PHE B 215 -29.52 25.73 -40.96
C PHE B 215 -29.74 26.73 -39.84
N GLU B 216 -28.73 27.03 -39.03
CA GLU B 216 -28.92 27.99 -37.96
C GLU B 216 -28.67 29.43 -38.38
N ASP B 217 -28.05 29.65 -39.54
CA ASP B 217 -27.81 31.01 -40.00
C ASP B 217 -28.11 31.19 -41.48
N LEU B 218 -28.70 30.20 -42.15
CA LEU B 218 -29.18 30.34 -43.52
C LEU B 218 -30.70 30.28 -43.48
N SER B 219 -31.31 31.44 -43.27
CA SER B 219 -32.77 31.51 -43.18
C SER B 219 -33.41 31.40 -44.55
N ASP B 220 -32.76 31.94 -45.57
CA ASP B 220 -33.26 31.88 -46.94
C ASP B 220 -33.09 30.46 -47.45
N GLU B 221 -34.13 29.65 -47.35
CA GLU B 221 -33.99 28.22 -47.61
C GLU B 221 -33.97 27.93 -49.11
N ALA B 222 -33.12 28.65 -49.84
CA ALA B 222 -32.83 28.36 -51.23
C ALA B 222 -31.31 28.40 -51.41
N GLU B 223 -30.64 29.14 -50.53
CA GLU B 223 -29.19 29.27 -50.53
C GLU B 223 -28.49 28.04 -49.99
N ARG B 224 -29.21 26.94 -49.79
CA ARG B 224 -28.58 25.72 -49.26
C ARG B 224 -27.86 24.96 -50.35
N ASP B 225 -28.51 24.73 -51.49
CA ASP B 225 -28.05 23.79 -52.50
C ASP B 225 -26.66 24.10 -53.03
N GLU B 226 -26.08 25.25 -52.73
CA GLU B 226 -24.70 25.48 -53.14
C GLU B 226 -23.71 25.11 -52.04
N TYR B 227 -23.95 25.56 -50.81
CA TYR B 227 -23.08 25.13 -49.72
C TYR B 227 -23.34 23.67 -49.41
N GLU B 228 -22.27 22.91 -49.23
CA GLU B 228 -22.38 21.47 -49.05
C GLU B 228 -21.50 21.08 -47.85
N LEU B 229 -21.43 19.78 -47.57
CA LEU B 229 -20.65 19.27 -46.46
C LEU B 229 -19.57 18.34 -46.98
N LEU B 230 -18.32 18.65 -46.67
CA LEU B 230 -17.18 17.86 -47.13
C LEU B 230 -17.15 16.57 -46.34
N CYS B 231 -17.41 15.45 -47.01
CA CYS B 231 -17.62 14.16 -46.36
C CYS B 231 -16.29 13.46 -46.17
N PRO B 232 -16.25 12.37 -45.40
CA PRO B 232 -15.01 11.59 -45.30
C PRO B 232 -14.85 10.61 -46.45
N ASP B 233 -15.97 10.15 -47.00
CA ASP B 233 -15.98 8.99 -47.91
C ASP B 233 -15.71 9.41 -49.36
N ASN B 234 -14.59 10.12 -49.55
CA ASN B 234 -14.08 10.47 -50.88
C ASN B 234 -15.06 11.30 -51.70
N THR B 235 -16.13 11.81 -51.10
CA THR B 235 -17.16 12.49 -51.87
C THR B 235 -17.75 13.62 -51.05
N ARG B 236 -18.89 14.13 -51.51
CA ARG B 236 -19.52 15.30 -50.90
C ARG B 236 -21.01 15.20 -51.18
N LYS B 237 -21.80 14.99 -50.14
CA LYS B 237 -23.23 14.78 -50.24
C LYS B 237 -23.99 16.03 -49.81
N PRO B 238 -25.28 16.15 -50.21
CA PRO B 238 -26.09 17.29 -49.77
C PRO B 238 -26.12 17.45 -48.26
N VAL B 239 -26.56 18.62 -47.79
CA VAL B 239 -26.26 19.04 -46.43
C VAL B 239 -26.96 18.15 -45.41
N ASP B 240 -28.29 18.13 -45.44
CA ASP B 240 -28.99 17.55 -44.29
C ASP B 240 -28.89 16.06 -44.19
N LYS B 241 -28.16 15.35 -45.06
CA LYS B 241 -27.95 13.92 -44.89
C LYS B 241 -26.77 13.61 -44.00
N PHE B 242 -26.44 14.53 -43.10
CA PHE B 242 -25.18 14.52 -42.36
C PHE B 242 -24.94 13.26 -41.55
N LYS B 243 -25.94 12.39 -41.39
CA LYS B 243 -25.67 11.13 -40.71
C LYS B 243 -24.90 10.15 -41.59
N ASP B 244 -24.53 10.56 -42.80
CA ASP B 244 -23.62 9.82 -43.65
C ASP B 244 -22.43 10.63 -44.08
N CYS B 245 -22.31 11.89 -43.60
CA CYS B 245 -21.27 12.78 -44.07
C CYS B 245 -20.55 13.49 -42.91
N HIS B 246 -20.87 13.16 -41.68
CA HIS B 246 -20.22 13.84 -40.57
C HIS B 246 -18.87 13.19 -40.29
N LEU B 247 -18.07 13.88 -39.47
CA LEU B 247 -16.66 13.58 -39.32
C LEU B 247 -16.24 13.12 -37.93
N ALA B 248 -17.03 13.41 -36.89
CA ALA B 248 -16.68 12.93 -35.55
C ALA B 248 -17.89 13.06 -34.63
N ARG B 249 -18.31 11.94 -34.05
CA ARG B 249 -19.45 11.91 -33.14
C ARG B 249 -19.05 12.43 -31.76
N VAL B 250 -18.56 13.66 -31.73
CA VAL B 250 -17.93 14.19 -30.53
C VAL B 250 -18.95 14.28 -29.39
N PRO B 251 -18.53 14.49 -28.15
CA PRO B 251 -19.49 14.77 -27.09
C PRO B 251 -19.78 16.24 -27.03
N SER B 252 -20.66 16.68 -26.15
CA SER B 252 -21.13 18.05 -26.18
C SER B 252 -20.57 18.85 -25.02
N HIS B 253 -20.49 20.16 -25.23
CA HIS B 253 -19.98 21.09 -24.25
C HIS B 253 -20.61 20.82 -22.90
N ALA B 254 -19.78 20.52 -21.90
CA ALA B 254 -20.25 19.92 -20.66
C ALA B 254 -19.74 20.72 -19.47
N VAL B 255 -20.63 21.47 -18.82
CA VAL B 255 -20.26 22.36 -17.73
C VAL B 255 -19.37 21.61 -16.76
N VAL B 256 -18.31 22.26 -16.28
CA VAL B 256 -17.33 21.60 -15.43
C VAL B 256 -17.36 22.20 -14.04
N ALA B 257 -16.61 21.58 -13.14
CA ALA B 257 -16.48 21.97 -11.76
C ALA B 257 -15.44 21.06 -11.13
N ARG B 258 -14.89 21.50 -10.00
CA ARG B 258 -13.67 20.92 -9.46
C ARG B 258 -13.84 19.42 -9.17
N SER B 259 -12.71 18.76 -8.95
CA SER B 259 -12.73 17.34 -8.65
C SER B 259 -13.50 17.06 -7.38
N VAL B 260 -12.99 17.56 -6.27
CA VAL B 260 -13.70 17.51 -5.01
C VAL B 260 -14.40 18.85 -4.82
N ASN B 261 -15.50 18.83 -4.08
CA ASN B 261 -16.28 20.04 -3.83
C ASN B 261 -16.74 20.68 -5.14
N GLY B 262 -16.66 19.93 -6.24
CA GLY B 262 -17.17 20.42 -7.51
C GLY B 262 -18.67 20.62 -7.54
N LYS B 263 -19.41 20.01 -6.61
CA LYS B 263 -20.82 20.29 -6.44
C LYS B 263 -21.60 20.00 -7.72
N GLU B 264 -21.61 18.71 -8.10
CA GLU B 264 -22.66 18.25 -9.02
C GLU B 264 -24.03 18.72 -8.53
N ASP B 265 -24.24 18.66 -7.22
CA ASP B 265 -25.56 18.89 -6.65
C ASP B 265 -25.98 20.35 -6.77
N ALA B 266 -25.16 21.28 -6.27
CA ALA B 266 -25.58 22.68 -6.19
C ALA B 266 -25.85 23.25 -7.57
N ILE B 267 -24.87 23.17 -8.46
CA ILE B 267 -25.08 23.75 -9.77
C ILE B 267 -26.09 22.94 -10.56
N TRP B 268 -26.17 21.62 -10.36
CA TRP B 268 -27.24 20.91 -11.05
C TRP B 268 -28.61 21.36 -10.57
N ASN B 269 -28.72 21.72 -9.30
CA ASN B 269 -29.99 22.20 -8.75
C ASN B 269 -30.39 23.51 -9.39
N LEU B 270 -29.53 24.51 -9.32
CA LEU B 270 -29.90 25.79 -9.92
C LEU B 270 -30.07 25.64 -11.42
N LEU B 271 -29.32 24.75 -12.04
CA LEU B 271 -29.42 24.58 -13.48
C LEU B 271 -30.71 23.88 -13.86
N ARG B 272 -31.22 23.00 -12.99
CA ARG B 272 -32.51 22.37 -13.31
C ARG B 272 -33.65 23.34 -13.13
N GLN B 273 -33.58 24.18 -12.08
CA GLN B 273 -34.55 25.27 -11.99
C GLN B 273 -34.55 26.11 -13.26
N ALA B 274 -33.36 26.51 -13.73
CA ALA B 274 -33.31 27.32 -14.94
C ALA B 274 -33.73 26.54 -16.18
N GLN B 275 -33.47 25.23 -16.19
CA GLN B 275 -33.86 24.40 -17.32
C GLN B 275 -35.38 24.31 -17.44
N GLU B 276 -36.07 24.26 -16.30
CA GLU B 276 -37.52 24.18 -16.34
C GLU B 276 -38.15 25.55 -16.48
N LYS B 277 -37.44 26.60 -16.06
CA LYS B 277 -38.01 27.95 -16.07
C LYS B 277 -37.68 28.69 -17.37
N PHE B 278 -36.41 28.76 -17.72
CA PHE B 278 -35.96 29.58 -18.84
C PHE B 278 -35.58 28.77 -20.06
N GLY B 279 -36.00 27.52 -20.16
CA GLY B 279 -35.54 26.65 -21.22
C GLY B 279 -36.08 27.00 -22.59
N LYS B 280 -36.12 26.00 -23.47
CA LYS B 280 -36.57 26.22 -24.84
C LYS B 280 -38.02 26.66 -24.87
N ASP B 281 -38.31 27.66 -25.71
CA ASP B 281 -39.68 28.05 -26.01
C ASP B 281 -40.43 28.46 -24.74
N LYS B 282 -39.96 29.54 -24.12
CA LYS B 282 -40.54 29.98 -22.86
C LYS B 282 -40.49 31.49 -22.70
N SER B 283 -40.67 31.95 -21.47
CA SER B 283 -40.92 33.34 -21.10
C SER B 283 -39.89 34.30 -21.68
N PRO B 284 -40.24 35.57 -21.87
CA PRO B 284 -39.26 36.56 -22.32
C PRO B 284 -38.52 37.20 -21.16
N LYS B 285 -37.89 36.36 -20.34
CA LYS B 285 -37.15 36.81 -19.16
C LYS B 285 -35.72 36.27 -19.27
N PHE B 286 -35.12 36.47 -20.44
CA PHE B 286 -33.77 36.01 -20.73
C PHE B 286 -33.67 34.48 -20.57
N GLN B 287 -34.29 33.81 -21.52
CA GLN B 287 -34.02 32.38 -21.71
C GLN B 287 -32.52 32.13 -21.74
N LEU B 288 -32.12 30.96 -21.27
CA LEU B 288 -30.72 30.55 -21.31
C LEU B 288 -30.31 29.95 -22.64
N PHE B 289 -31.04 30.24 -23.70
CA PHE B 289 -30.67 29.78 -25.03
C PHE B 289 -31.16 30.81 -26.03
N GLY B 290 -30.27 31.69 -26.45
CA GLY B 290 -30.63 32.80 -27.30
C GLY B 290 -29.45 33.72 -27.46
N SER B 291 -29.63 34.74 -28.27
CA SER B 291 -28.47 35.57 -28.58
C SER B 291 -28.86 36.97 -29.01
N PRO B 292 -28.27 38.01 -28.41
CA PRO B 292 -28.42 39.35 -28.97
C PRO B 292 -27.74 39.39 -30.32
N SER B 293 -28.55 39.53 -31.38
CA SER B 293 -28.12 39.16 -32.72
C SER B 293 -26.81 39.81 -33.10
N GLY B 294 -25.99 39.06 -33.84
CA GLY B 294 -24.65 39.47 -34.23
C GLY B 294 -23.59 38.44 -33.86
N GLN B 295 -23.81 37.69 -32.79
CA GLN B 295 -22.89 36.65 -32.36
C GLN B 295 -23.67 35.36 -32.17
N LYS B 296 -22.94 34.27 -31.89
CA LYS B 296 -23.54 32.95 -31.75
C LYS B 296 -22.94 32.25 -30.55
N ASP B 297 -23.76 31.48 -29.83
CA ASP B 297 -23.31 30.62 -28.73
C ASP B 297 -22.63 31.43 -27.64
N LEU B 298 -23.28 32.52 -27.23
CA LEU B 298 -22.59 33.53 -26.44
C LEU B 298 -22.21 33.02 -25.07
N LEU B 299 -20.93 32.70 -24.90
CA LEU B 299 -20.33 32.19 -23.66
C LEU B 299 -21.23 31.16 -22.97
N PHE B 300 -22.13 30.55 -23.74
CA PHE B 300 -22.94 29.40 -23.37
C PHE B 300 -23.24 28.68 -24.68
N LYS B 301 -24.27 27.85 -24.69
CA LYS B 301 -24.68 27.36 -25.98
C LYS B 301 -26.08 27.89 -26.34
N ASP B 302 -26.35 27.92 -27.63
CA ASP B 302 -27.62 28.35 -28.18
C ASP B 302 -28.20 27.26 -29.07
N SER B 303 -29.47 27.42 -29.42
CA SER B 303 -30.19 26.45 -30.24
C SER B 303 -30.09 25.06 -29.65
N ALA B 304 -30.24 25.00 -28.32
CA ALA B 304 -30.11 23.76 -27.57
C ALA B 304 -31.15 23.74 -26.47
N ILE B 305 -31.76 22.58 -26.26
CA ILE B 305 -32.89 22.52 -25.33
C ILE B 305 -32.39 22.56 -23.89
N GLY B 306 -31.64 21.55 -23.47
CA GLY B 306 -31.31 21.41 -22.06
C GLY B 306 -30.01 20.69 -21.80
N PHE B 307 -29.80 20.23 -20.57
CA PHE B 307 -28.61 19.46 -20.26
C PHE B 307 -28.93 18.36 -19.28
N SER B 308 -28.67 17.11 -19.69
CA SER B 308 -28.79 15.98 -18.79
C SER B 308 -27.76 16.10 -17.68
N ARG B 309 -27.99 15.38 -16.59
CA ARG B 309 -27.08 15.35 -15.46
C ARG B 309 -26.13 14.18 -15.60
N VAL B 310 -24.85 14.43 -15.31
CA VAL B 310 -23.78 13.46 -15.51
C VAL B 310 -23.50 12.77 -14.18
N PRO B 311 -23.52 11.45 -14.12
CA PRO B 311 -23.56 10.74 -12.84
C PRO B 311 -22.30 10.93 -12.02
N PRO B 312 -22.33 10.61 -10.73
CA PRO B 312 -21.16 10.80 -9.87
C PRO B 312 -19.97 9.93 -10.23
N ARG B 313 -20.06 9.15 -11.31
CA ARG B 313 -18.97 8.29 -11.71
C ARG B 313 -18.13 8.88 -12.84
N ILE B 314 -18.67 9.82 -13.61
CA ILE B 314 -18.01 10.25 -14.84
C ILE B 314 -16.98 11.32 -14.52
N ASP B 315 -15.76 11.11 -15.01
CA ASP B 315 -14.71 12.12 -15.01
C ASP B 315 -14.04 12.14 -16.38
N SER B 316 -13.38 13.27 -16.65
CA SER B 316 -13.08 13.72 -18.02
C SER B 316 -12.76 12.57 -18.97
N GLY B 317 -11.84 11.71 -18.58
CA GLY B 317 -11.47 10.62 -19.47
C GLY B 317 -12.66 9.77 -19.88
N LEU B 318 -13.58 9.53 -18.95
CA LEU B 318 -14.76 8.75 -19.28
C LEU B 318 -15.74 9.54 -20.12
N TYR B 319 -15.99 10.80 -19.73
CA TYR B 319 -16.93 11.64 -20.47
C TYR B 319 -16.56 11.70 -21.95
N LEU B 320 -15.28 11.99 -22.25
CA LEU B 320 -14.86 12.27 -23.63
C LEU B 320 -14.85 11.09 -24.52
N GLY B 321 -15.37 9.94 -24.12
CA GLY B 321 -15.45 8.80 -25.01
C GLY B 321 -14.23 7.91 -24.91
N SER B 322 -14.03 7.12 -25.95
CA SER B 322 -12.76 6.43 -26.16
C SER B 322 -12.12 6.81 -27.48
N GLY B 323 -12.88 6.79 -28.58
CA GLY B 323 -12.31 7.17 -29.85
C GLY B 323 -11.72 8.56 -29.84
N TYR B 324 -12.52 9.53 -29.41
CA TYR B 324 -12.06 10.91 -29.40
C TYR B 324 -10.95 11.13 -28.38
N PHE B 325 -10.82 10.26 -27.38
CA PHE B 325 -9.75 10.43 -26.39
C PHE B 325 -8.42 9.90 -26.92
N THR B 326 -8.44 8.69 -27.51
CA THR B 326 -7.28 8.23 -28.25
C THR B 326 -6.88 9.23 -29.33
N ALA B 327 -7.85 9.89 -29.96
CA ALA B 327 -7.49 10.84 -31.01
C ALA B 327 -6.96 12.15 -30.44
N ILE B 328 -7.47 12.61 -29.29
CA ILE B 328 -6.91 13.82 -28.72
C ILE B 328 -5.51 13.57 -28.20
N GLN B 329 -5.16 12.33 -27.91
CA GLN B 329 -3.79 12.10 -27.46
C GLN B 329 -2.83 11.74 -28.59
N ASN B 330 -3.19 10.81 -29.46
CA ASN B 330 -2.23 10.31 -30.45
C ASN B 330 -2.10 11.25 -31.64
N LEU B 331 -1.86 12.53 -31.38
CA LEU B 331 -1.45 13.44 -32.43
C LEU B 331 -0.22 14.19 -31.95
N ARG B 332 -0.14 14.41 -30.64
CA ARG B 332 0.97 15.12 -30.02
C ARG B 332 2.08 14.17 -29.60
N LYS B 333 2.18 13.02 -30.26
CA LYS B 333 3.26 12.07 -30.07
C LYS B 333 3.57 11.44 -31.42
N SER B 334 4.83 11.10 -31.65
CA SER B 334 5.29 10.83 -33.01
C SER B 334 4.74 9.51 -33.55
N GLU B 335 4.63 9.44 -34.88
CA GLU B 335 4.02 8.31 -35.57
C GLU B 335 4.75 7.00 -35.33
N GLU B 336 6.02 7.04 -34.96
CA GLU B 336 6.76 5.85 -34.60
C GLU B 336 6.75 5.64 -33.10
N GLU B 337 5.87 6.32 -32.41
CA GLU B 337 5.58 6.10 -31.00
C GLU B 337 4.15 5.64 -30.78
N VAL B 338 3.16 6.30 -31.40
CA VAL B 338 1.77 5.96 -31.23
C VAL B 338 1.34 4.85 -32.18
N ALA B 339 2.29 4.25 -32.89
CA ALA B 339 2.04 2.98 -33.55
C ALA B 339 2.52 1.81 -32.73
N ALA B 340 3.25 2.09 -31.64
CA ALA B 340 3.53 1.08 -30.63
C ALA B 340 2.32 0.85 -29.75
N ARG B 341 1.75 1.94 -29.22
CA ARG B 341 0.59 1.84 -28.35
C ARG B 341 -0.53 1.00 -28.96
N ARG B 342 -0.59 0.92 -30.28
CA ARG B 342 -1.55 0.04 -30.94
C ARG B 342 -1.03 -1.38 -31.09
N ALA B 343 0.00 -1.74 -30.33
CA ALA B 343 0.50 -3.11 -30.31
C ALA B 343 0.82 -3.61 -28.91
N ARG B 344 0.67 -2.78 -27.89
CA ARG B 344 0.96 -3.15 -26.51
C ARG B 344 -0.35 -3.47 -25.81
N VAL B 345 -0.50 -4.71 -25.37
CA VAL B 345 -1.76 -5.16 -24.77
C VAL B 345 -1.66 -4.86 -23.28
N VAL B 346 -1.96 -3.61 -22.93
CA VAL B 346 -1.81 -3.23 -21.53
C VAL B 346 -2.87 -3.98 -20.75
N TRP B 347 -2.46 -4.95 -19.96
CA TRP B 347 -3.39 -5.76 -19.18
C TRP B 347 -3.69 -5.10 -17.85
N CYS B 348 -4.90 -5.34 -17.35
CA CYS B 348 -5.37 -4.76 -16.10
C CYS B 348 -5.63 -5.90 -15.14
N ALA B 349 -4.95 -5.87 -14.00
CA ALA B 349 -5.14 -6.85 -12.95
C ALA B 349 -6.18 -6.33 -11.96
N VAL B 350 -6.29 -6.94 -10.79
CA VAL B 350 -7.12 -6.41 -9.71
C VAL B 350 -6.38 -6.65 -8.40
N GLY B 351 -5.96 -5.58 -7.74
CA GLY B 351 -5.25 -5.74 -6.49
C GLY B 351 -3.83 -6.23 -6.69
N GLU B 352 -3.00 -6.08 -5.65
CA GLU B 352 -1.56 -6.29 -5.78
C GLU B 352 -1.20 -7.67 -6.33
N GLN B 353 -1.65 -8.73 -5.65
CA GLN B 353 -1.07 -10.03 -5.87
C GLN B 353 -1.09 -10.44 -7.34
N GLU B 354 -2.21 -10.20 -8.02
CA GLU B 354 -2.15 -10.48 -9.45
C GLU B 354 -1.49 -9.36 -10.24
N LEU B 355 -1.30 -8.18 -9.66
CA LEU B 355 -0.43 -7.21 -10.30
C LEU B 355 0.99 -7.74 -10.40
N ARG B 356 1.48 -8.41 -9.36
CA ARG B 356 2.85 -8.91 -9.40
C ARG B 356 2.96 -10.18 -10.22
N LYS B 357 1.94 -11.02 -10.23
CA LYS B 357 1.90 -12.03 -11.28
C LYS B 357 2.01 -11.39 -12.65
N CYS B 358 1.33 -10.26 -12.84
CA CYS B 358 1.32 -9.61 -14.14
C CYS B 358 2.69 -9.03 -14.47
N ASN B 359 3.40 -8.50 -13.46
CA ASN B 359 4.73 -7.96 -13.71
C ASN B 359 5.69 -9.04 -14.13
N GLN B 360 5.68 -10.20 -13.43
CA GLN B 360 6.48 -11.32 -13.90
C GLN B 360 6.16 -11.63 -15.36
N TRP B 361 4.87 -11.61 -15.71
CA TRP B 361 4.47 -11.77 -17.11
C TRP B 361 5.13 -10.73 -17.99
N SER B 362 4.93 -9.45 -17.66
CA SER B 362 5.51 -8.35 -18.42
C SER B 362 6.98 -8.60 -18.71
N GLY B 363 7.72 -8.97 -17.68
CA GLY B 363 9.10 -9.38 -17.85
C GLY B 363 9.23 -10.39 -18.96
N LEU B 364 8.67 -11.58 -18.79
CA LEU B 364 8.85 -12.58 -19.83
C LEU B 364 8.17 -12.20 -21.14
N SER B 365 7.36 -11.15 -21.17
CA SER B 365 6.43 -10.95 -22.28
C SER B 365 7.13 -10.75 -23.63
N GLU B 366 8.41 -10.38 -23.62
CA GLU B 366 9.09 -9.80 -24.79
C GLU B 366 8.55 -8.40 -25.09
N GLY B 367 8.34 -7.62 -24.03
CA GLY B 367 7.90 -6.24 -24.15
C GLY B 367 6.62 -6.06 -24.93
N SER B 368 5.89 -7.16 -25.15
CA SER B 368 4.65 -7.15 -25.92
C SER B 368 3.41 -7.15 -25.04
N VAL B 369 3.55 -7.33 -23.74
CA VAL B 369 2.45 -7.20 -22.79
C VAL B 369 2.95 -6.52 -21.54
N THR B 370 2.60 -5.25 -21.36
CA THR B 370 2.95 -4.58 -20.13
C THR B 370 1.85 -4.86 -19.12
N CYS B 371 1.82 -4.13 -18.01
CA CYS B 371 0.73 -4.29 -17.06
C CYS B 371 0.42 -2.97 -16.40
N SER B 372 -0.84 -2.81 -16.01
CA SER B 372 -1.30 -1.67 -15.23
C SER B 372 -2.52 -2.12 -14.47
N SER B 373 -2.57 -1.83 -13.18
CA SER B 373 -3.53 -2.50 -12.32
C SER B 373 -4.53 -1.51 -11.73
N ALA B 374 -5.35 -2.02 -10.81
CA ALA B 374 -6.45 -1.29 -10.20
C ALA B 374 -6.81 -1.99 -8.90
N SER B 375 -7.95 -1.62 -8.32
CA SER B 375 -8.35 -2.12 -7.02
C SER B 375 -9.52 -3.10 -7.09
N THR B 376 -10.57 -2.79 -7.83
CA THR B 376 -11.73 -3.65 -7.93
C THR B 376 -12.29 -3.61 -9.34
N THR B 377 -12.89 -4.73 -9.76
CA THR B 377 -13.29 -4.89 -11.15
C THR B 377 -14.13 -3.72 -11.65
N GLU B 378 -14.82 -3.01 -10.76
CA GLU B 378 -15.42 -1.74 -11.14
C GLU B 378 -14.36 -0.79 -11.69
N ASP B 379 -13.25 -0.65 -10.98
CA ASP B 379 -12.24 0.31 -11.44
C ASP B 379 -11.36 -0.25 -12.56
N CYS B 380 -11.15 -1.56 -12.60
CA CYS B 380 -10.47 -2.12 -13.76
C CYS B 380 -11.31 -1.92 -15.03
N ILE B 381 -12.63 -1.85 -14.90
CA ILE B 381 -13.45 -1.38 -16.01
C ILE B 381 -13.22 0.11 -16.24
N ALA B 382 -13.27 0.91 -15.18
CA ALA B 382 -13.05 2.35 -15.34
C ALA B 382 -11.69 2.67 -15.94
N LEU B 383 -10.81 1.69 -16.07
CA LEU B 383 -9.56 1.85 -16.82
C LEU B 383 -9.69 1.31 -18.24
N VAL B 384 -10.15 0.07 -18.42
CA VAL B 384 -10.26 -0.48 -19.77
C VAL B 384 -11.12 0.42 -20.65
N LEU B 385 -11.90 1.31 -20.02
CA LEU B 385 -12.65 2.29 -20.79
C LEU B 385 -11.77 3.42 -21.28
N LYS B 386 -11.18 4.17 -20.36
CA LYS B 386 -10.55 5.40 -20.79
C LYS B 386 -9.24 5.19 -21.50
N GLY B 387 -8.87 3.97 -21.89
CA GLY B 387 -7.73 3.74 -22.75
C GLY B 387 -6.55 3.10 -22.05
N GLU B 388 -6.50 3.13 -20.73
CA GLU B 388 -5.26 2.79 -20.04
C GLU B 388 -5.01 1.31 -19.92
N ALA B 389 -5.94 0.43 -20.31
CA ALA B 389 -5.64 -0.99 -20.27
C ALA B 389 -6.63 -1.80 -21.08
N ASP B 390 -6.19 -2.45 -22.14
CA ASP B 390 -7.11 -2.94 -23.14
C ASP B 390 -7.56 -4.37 -22.91
N ALA B 391 -7.61 -4.85 -21.66
CA ALA B 391 -8.13 -6.20 -21.45
C ALA B 391 -8.40 -6.44 -19.96
N MET B 392 -9.20 -7.46 -19.69
CA MET B 392 -9.26 -8.12 -18.39
C MET B 392 -10.17 -9.34 -18.52
N SER B 393 -10.43 -10.04 -17.42
CA SER B 393 -11.27 -11.24 -17.41
C SER B 393 -12.17 -11.23 -16.19
N LEU B 394 -13.44 -11.63 -16.35
CA LEU B 394 -14.38 -11.49 -15.26
C LEU B 394 -15.58 -12.44 -15.36
N ASP B 395 -16.19 -12.71 -14.20
CA ASP B 395 -17.29 -13.67 -14.08
C ASP B 395 -18.58 -13.12 -14.66
N GLY B 396 -19.40 -14.00 -15.23
CA GLY B 396 -20.54 -13.63 -16.06
C GLY B 396 -21.33 -12.40 -15.65
N GLY B 397 -21.74 -12.30 -14.40
CA GLY B 397 -22.48 -11.14 -13.94
C GLY B 397 -21.71 -9.87 -14.19
N TYR B 398 -20.39 -10.00 -14.23
CA TYR B 398 -19.56 -8.87 -14.58
C TYR B 398 -19.43 -8.67 -16.09
N VAL B 399 -19.58 -9.73 -16.91
CA VAL B 399 -19.71 -9.51 -18.34
C VAL B 399 -20.96 -8.71 -18.62
N TYR B 400 -22.02 -8.91 -17.84
CA TYR B 400 -23.20 -8.06 -17.98
C TYR B 400 -22.88 -6.62 -17.57
N THR B 401 -22.47 -6.41 -16.31
CA THR B 401 -22.19 -5.06 -15.84
C THR B 401 -21.17 -4.34 -16.72
N ALA B 402 -20.35 -5.06 -17.49
CA ALA B 402 -19.38 -4.41 -18.36
C ALA B 402 -19.93 -4.20 -19.77
N GLY B 403 -20.37 -5.27 -20.42
CA GLY B 403 -20.96 -5.12 -21.74
C GLY B 403 -22.03 -4.06 -21.82
N LYS B 404 -22.80 -3.89 -20.74
CA LYS B 404 -23.75 -2.78 -20.72
C LYS B 404 -23.08 -1.47 -20.35
N CYS B 405 -21.75 -1.41 -20.48
CA CYS B 405 -21.02 -0.17 -20.47
C CYS B 405 -20.32 0.09 -21.79
N GLY B 406 -20.50 -0.79 -22.78
CA GLY B 406 -19.95 -0.58 -24.10
C GLY B 406 -18.59 -1.20 -24.35
N LEU B 407 -18.44 -2.47 -23.99
CA LEU B 407 -17.21 -3.22 -24.24
C LEU B 407 -17.65 -4.50 -24.95
N VAL B 408 -16.74 -5.46 -25.10
CA VAL B 408 -17.15 -6.75 -25.64
C VAL B 408 -16.42 -7.89 -24.92
N PRO B 409 -16.96 -9.09 -24.95
CA PRO B 409 -16.20 -10.25 -24.50
C PRO B 409 -15.33 -10.81 -25.62
N VAL B 410 -14.08 -11.11 -25.31
CA VAL B 410 -13.16 -11.52 -26.35
C VAL B 410 -12.95 -13.02 -26.27
N LEU B 411 -12.40 -13.50 -25.16
CA LEU B 411 -12.31 -14.92 -24.89
C LEU B 411 -12.80 -15.20 -23.47
N ALA B 412 -13.02 -16.47 -23.17
CA ALA B 412 -13.68 -16.86 -21.94
C ALA B 412 -12.98 -18.07 -21.34
N GLU B 413 -12.81 -18.08 -20.03
CA GLU B 413 -12.02 -19.14 -19.40
C GLU B 413 -12.73 -20.47 -19.54
N ASN B 414 -12.39 -21.24 -20.56
CA ASN B 414 -13.13 -22.46 -20.83
C ASN B 414 -12.85 -23.49 -19.74
N TYR B 415 -13.61 -23.42 -18.66
CA TYR B 415 -13.44 -24.34 -17.55
C TYR B 415 -13.54 -25.78 -18.03
N LYS B 416 -13.02 -26.68 -17.21
CA LYS B 416 -13.08 -28.09 -17.54
C LYS B 416 -14.40 -28.61 -16.99
N SER B 417 -15.41 -28.65 -17.85
CA SER B 417 -16.72 -29.16 -17.46
C SER B 417 -16.60 -30.60 -16.96
N GLN B 418 -17.63 -31.03 -16.22
CA GLN B 418 -17.60 -32.34 -15.57
C GLN B 418 -17.19 -33.44 -16.54
N GLN B 419 -17.68 -33.39 -17.77
CA GLN B 419 -17.26 -34.32 -18.81
C GLN B 419 -15.87 -33.90 -19.31
N SER B 420 -14.86 -34.14 -18.47
CA SER B 420 -13.48 -33.91 -18.89
C SER B 420 -12.94 -35.12 -19.65
N SER B 421 -12.81 -36.25 -18.94
CA SER B 421 -12.55 -37.57 -19.51
C SER B 421 -11.19 -37.71 -20.18
N ASP B 422 -10.44 -36.60 -20.32
CA ASP B 422 -9.15 -36.64 -21.01
C ASP B 422 -8.44 -35.30 -20.99
N PRO B 423 -7.15 -35.26 -21.34
CA PRO B 423 -6.51 -33.99 -21.71
C PRO B 423 -6.80 -33.66 -23.16
N ASP B 424 -7.48 -32.54 -23.38
CA ASP B 424 -7.91 -32.16 -24.72
C ASP B 424 -6.95 -31.13 -25.31
N PRO B 425 -6.33 -31.40 -26.45
CA PRO B 425 -5.37 -30.44 -27.02
C PRO B 425 -6.02 -29.32 -27.80
N ASN B 426 -7.20 -29.57 -28.35
CA ASN B 426 -7.91 -28.55 -29.13
C ASN B 426 -8.77 -27.71 -28.18
N CYS B 427 -8.34 -27.62 -26.93
CA CYS B 427 -9.07 -26.87 -25.91
C CYS B 427 -9.38 -25.44 -26.34
N VAL B 428 -8.71 -24.92 -27.37
CA VAL B 428 -9.00 -23.58 -27.82
C VAL B 428 -10.37 -23.51 -28.48
N ASP B 429 -10.71 -24.48 -29.31
CA ASP B 429 -11.93 -24.38 -30.11
C ASP B 429 -12.99 -25.39 -29.69
N ARG B 430 -13.14 -25.60 -28.38
CA ARG B 430 -14.27 -26.31 -27.83
C ARG B 430 -15.18 -25.30 -27.14
N PRO B 431 -16.30 -24.92 -27.75
CA PRO B 431 -17.07 -23.80 -27.23
C PRO B 431 -17.50 -24.03 -25.79
N VAL B 432 -17.68 -22.93 -25.08
CA VAL B 432 -17.79 -22.95 -23.63
C VAL B 432 -19.04 -23.69 -23.18
N GLU B 433 -19.11 -24.03 -21.89
CA GLU B 433 -20.22 -24.80 -21.36
C GLU B 433 -20.81 -24.19 -20.09
N GLY B 434 -20.40 -23.00 -19.69
CA GLY B 434 -20.86 -22.43 -18.44
C GLY B 434 -20.43 -23.24 -17.25
N TYR B 435 -20.82 -22.85 -16.04
CA TYR B 435 -20.61 -23.70 -14.88
C TYR B 435 -21.92 -23.98 -14.15
N LEU B 436 -21.84 -24.90 -13.21
CA LEU B 436 -23.02 -25.54 -12.62
C LEU B 436 -23.04 -25.14 -11.15
N ALA B 437 -23.71 -24.05 -10.84
CA ALA B 437 -23.59 -23.47 -9.51
C ALA B 437 -24.46 -24.24 -8.52
N VAL B 438 -23.87 -24.60 -7.37
CA VAL B 438 -24.55 -25.44 -6.40
C VAL B 438 -24.60 -24.74 -5.06
N ALA B 439 -25.36 -25.35 -4.14
CA ALA B 439 -25.55 -24.88 -2.77
C ALA B 439 -25.20 -26.01 -1.80
N VAL B 440 -23.95 -26.06 -1.39
CA VAL B 440 -23.41 -27.14 -0.58
C VAL B 440 -23.68 -26.84 0.89
N VAL B 441 -23.83 -27.89 1.70
CA VAL B 441 -24.09 -27.76 3.13
C VAL B 441 -23.47 -28.94 3.84
N ARG B 442 -23.30 -28.81 5.16
CA ARG B 442 -22.65 -29.84 5.98
C ARG B 442 -23.72 -30.75 6.58
N ARG B 443 -23.70 -32.04 6.21
CA ARG B 443 -24.76 -32.91 6.68
C ARG B 443 -24.62 -33.26 8.13
N SER B 444 -23.70 -32.65 8.87
CA SER B 444 -23.72 -32.76 10.32
C SER B 444 -25.05 -32.30 10.87
N ASP B 445 -25.39 -31.03 10.65
CA ASP B 445 -26.76 -30.57 10.84
C ASP B 445 -27.63 -31.12 9.73
N THR B 446 -28.66 -31.88 10.10
CA THR B 446 -29.53 -32.52 9.13
C THR B 446 -30.92 -31.89 9.03
N SER B 447 -31.22 -30.91 9.88
CA SER B 447 -32.56 -30.34 9.91
C SER B 447 -32.84 -29.50 8.67
N LEU B 448 -31.82 -28.86 8.11
CA LEU B 448 -32.02 -27.80 7.14
C LEU B 448 -32.50 -28.36 5.80
N THR B 449 -33.51 -27.70 5.23
CA THR B 449 -34.06 -28.05 3.92
C THR B 449 -34.07 -26.83 3.04
N TRP B 450 -34.73 -26.91 1.88
CA TRP B 450 -34.77 -25.77 0.98
C TRP B 450 -35.46 -24.58 1.61
N ASN B 451 -36.64 -24.80 2.20
CA ASN B 451 -37.34 -23.71 2.88
C ASN B 451 -36.53 -23.15 4.04
N SER B 452 -35.43 -23.79 4.41
CA SER B 452 -34.67 -23.49 5.61
C SER B 452 -33.46 -22.62 5.34
N VAL B 453 -33.58 -21.67 4.42
CA VAL B 453 -32.44 -20.85 4.09
C VAL B 453 -32.55 -19.49 4.77
N LYS B 454 -33.76 -19.03 5.03
CA LYS B 454 -33.98 -17.67 5.49
C LYS B 454 -33.66 -17.51 6.95
N GLY B 455 -32.99 -16.40 7.28
CA GLY B 455 -32.70 -16.04 8.66
C GLY B 455 -31.58 -16.80 9.32
N LYS B 456 -30.90 -17.70 8.61
CA LYS B 456 -29.86 -18.53 9.22
C LYS B 456 -28.50 -17.88 9.03
N LYS B 457 -27.44 -18.64 9.29
CA LYS B 457 -26.06 -18.22 9.05
C LYS B 457 -25.57 -18.87 7.77
N SER B 458 -25.18 -18.05 6.79
CA SER B 458 -24.81 -18.62 5.50
C SER B 458 -23.92 -17.66 4.75
N CYS B 459 -22.98 -18.20 3.99
CA CYS B 459 -22.02 -17.38 3.28
C CYS B 459 -21.74 -17.94 1.89
N HIS B 460 -21.80 -17.05 0.91
CA HIS B 460 -21.64 -17.30 -0.52
C HIS B 460 -20.40 -16.59 -1.06
N THR B 461 -20.11 -16.79 -2.35
CA THR B 461 -18.75 -16.64 -2.87
C THR B 461 -18.41 -15.25 -3.37
N ALA B 462 -19.37 -14.40 -3.68
CA ALA B 462 -19.04 -13.14 -4.34
C ALA B 462 -20.30 -12.31 -4.40
N VAL B 463 -20.11 -11.00 -4.56
CA VAL B 463 -21.24 -10.13 -4.84
C VAL B 463 -21.23 -9.82 -6.33
N ASP B 464 -22.42 -9.80 -6.91
CA ASP B 464 -22.64 -9.50 -8.32
C ASP B 464 -22.12 -10.58 -9.24
N ARG B 465 -21.47 -11.61 -8.74
CA ARG B 465 -21.18 -12.69 -9.66
C ARG B 465 -22.37 -13.62 -9.76
N THR B 466 -22.31 -14.52 -10.72
CA THR B 466 -23.50 -15.28 -11.03
C THR B 466 -23.80 -16.35 -10.00
N ALA B 467 -22.78 -17.02 -9.47
CA ALA B 467 -23.00 -18.15 -8.57
C ALA B 467 -22.92 -17.76 -7.11
N GLY B 468 -22.71 -16.49 -6.82
CA GLY B 468 -22.49 -16.13 -5.44
C GLY B 468 -23.53 -15.18 -4.87
N TRP B 469 -24.07 -14.31 -5.71
CA TRP B 469 -25.01 -13.32 -5.23
C TRP B 469 -26.20 -13.11 -6.16
N ASN B 470 -26.25 -13.77 -7.31
CA ASN B 470 -27.35 -13.53 -8.22
C ASN B 470 -28.08 -14.76 -8.73
N ILE B 471 -27.52 -15.95 -8.66
CA ILE B 471 -28.39 -17.10 -8.91
C ILE B 471 -29.14 -17.47 -7.64
N PRO B 472 -28.51 -17.65 -6.48
CA PRO B 472 -29.29 -17.86 -5.27
C PRO B 472 -30.26 -16.74 -4.94
N MET B 473 -29.75 -15.53 -4.70
CA MET B 473 -30.64 -14.48 -4.21
C MET B 473 -31.66 -14.07 -5.25
N GLY B 474 -31.43 -14.37 -6.52
CA GLY B 474 -32.48 -14.20 -7.51
C GLY B 474 -33.64 -15.14 -7.29
N LEU B 475 -33.36 -16.43 -7.08
CA LEU B 475 -34.45 -17.37 -6.86
C LEU B 475 -35.12 -17.12 -5.52
N LEU B 476 -34.34 -16.70 -4.51
CA LEU B 476 -34.96 -16.40 -3.23
C LEU B 476 -35.82 -15.15 -3.30
N PHE B 477 -35.48 -14.21 -4.18
CA PHE B 477 -36.34 -13.06 -4.41
C PHE B 477 -37.60 -13.46 -5.15
N ASN B 478 -37.45 -14.28 -6.20
CA ASN B 478 -38.61 -14.76 -6.94
C ASN B 478 -39.58 -15.51 -6.05
N GLN B 479 -39.10 -16.19 -5.00
CA GLN B 479 -40.06 -16.77 -4.08
C GLN B 479 -40.59 -15.77 -3.05
N THR B 480 -39.76 -14.84 -2.59
CA THR B 480 -40.19 -13.96 -1.50
C THR B 480 -40.94 -12.73 -2.02
N GLY B 481 -40.30 -11.95 -2.88
CA GLY B 481 -40.87 -10.72 -3.36
C GLY B 481 -40.31 -9.48 -2.67
N SER B 482 -39.77 -9.66 -1.48
CA SER B 482 -39.14 -8.56 -0.76
C SER B 482 -37.67 -8.45 -1.18
N CYS B 483 -37.40 -7.69 -2.22
CA CYS B 483 -36.00 -7.45 -2.59
C CYS B 483 -35.40 -6.50 -1.56
N LYS B 484 -35.27 -7.02 -0.35
CA LYS B 484 -34.51 -6.42 0.72
C LYS B 484 -33.53 -7.47 1.20
N PHE B 485 -32.24 -7.21 1.01
CA PHE B 485 -31.27 -8.28 0.89
C PHE B 485 -30.62 -8.68 2.20
N ASP B 486 -30.65 -7.84 3.22
CA ASP B 486 -30.08 -8.21 4.50
C ASP B 486 -31.06 -8.94 5.40
N GLU B 487 -32.36 -8.71 5.20
CA GLU B 487 -33.37 -9.37 6.02
C GLU B 487 -33.41 -10.86 5.77
N TYR B 488 -33.05 -11.30 4.56
CA TYR B 488 -32.99 -12.72 4.23
C TYR B 488 -32.30 -13.51 5.33
N PHE B 489 -31.02 -13.19 5.58
CA PHE B 489 -30.10 -13.98 6.38
C PHE B 489 -29.65 -13.20 7.61
N SER B 490 -29.55 -13.89 8.74
CA SER B 490 -29.08 -13.30 9.98
C SER B 490 -27.65 -12.78 9.81
N GLN B 491 -26.70 -13.69 9.59
CA GLN B 491 -25.30 -13.34 9.37
C GLN B 491 -24.79 -14.01 8.11
N SER B 492 -23.96 -13.31 7.36
CA SER B 492 -23.61 -13.75 6.02
C SER B 492 -22.31 -13.11 5.59
N CYS B 493 -21.54 -13.80 4.76
CA CYS B 493 -20.27 -13.31 4.24
C CYS B 493 -20.31 -13.29 2.72
N ALA B 494 -20.78 -12.17 2.17
CA ALA B 494 -20.82 -11.95 0.74
C ALA B 494 -19.74 -10.92 0.40
N PRO B 495 -18.66 -11.31 -0.28
CA PRO B 495 -17.53 -10.40 -0.47
C PRO B 495 -17.82 -9.37 -1.56
N GLY B 496 -17.64 -8.10 -1.22
CA GLY B 496 -17.83 -7.01 -2.14
C GLY B 496 -18.98 -6.09 -1.82
N SER B 497 -19.70 -6.31 -0.73
CA SER B 497 -20.79 -5.44 -0.34
C SER B 497 -20.26 -4.35 0.60
N ASP B 498 -21.17 -3.62 1.23
CA ASP B 498 -20.79 -2.73 2.30
C ASP B 498 -20.12 -3.52 3.41
N PRO B 499 -19.19 -2.91 4.13
CA PRO B 499 -18.55 -3.60 5.25
C PRO B 499 -19.18 -3.35 6.61
N ARG B 500 -20.17 -2.46 6.68
CA ARG B 500 -20.74 -2.04 7.96
C ARG B 500 -22.10 -2.67 8.24
N SER B 501 -22.62 -3.47 7.33
CA SER B 501 -23.99 -3.94 7.41
C SER B 501 -24.11 -5.11 8.39
N ASN B 502 -25.27 -5.78 8.37
CA ASN B 502 -25.42 -7.13 8.90
C ASN B 502 -25.36 -8.16 7.77
N LEU B 503 -24.57 -7.87 6.74
CA LEU B 503 -24.38 -8.72 5.59
C LEU B 503 -22.91 -8.97 5.30
N CYS B 504 -22.01 -8.21 5.95
CA CYS B 504 -20.58 -8.49 6.01
C CYS B 504 -20.14 -8.58 7.46
N ALA B 505 -20.83 -9.38 8.24
CA ALA B 505 -20.44 -9.62 9.62
C ALA B 505 -19.67 -10.91 9.81
N LEU B 506 -19.85 -11.87 8.92
CA LEU B 506 -19.24 -13.19 9.04
C LEU B 506 -18.05 -13.36 8.10
N CYS B 507 -17.30 -12.27 7.88
CA CYS B 507 -16.07 -12.33 7.12
C CYS B 507 -14.92 -11.99 8.06
N ILE B 508 -13.72 -12.43 7.72
CA ILE B 508 -12.57 -12.26 8.60
C ILE B 508 -11.52 -11.34 8.00
N GLY B 509 -11.26 -11.46 6.70
CA GLY B 509 -10.42 -10.49 6.01
C GLY B 509 -9.03 -10.96 5.60
N ASP B 510 -8.02 -10.36 6.20
CA ASP B 510 -6.63 -10.64 5.91
C ASP B 510 -5.93 -10.98 7.22
N GLU B 511 -4.59 -11.03 7.18
CA GLU B 511 -3.79 -11.45 8.33
C GLU B 511 -4.06 -10.58 9.56
N GLN B 512 -3.72 -9.30 9.47
CA GLN B 512 -4.02 -8.39 10.57
C GLN B 512 -5.52 -8.23 10.77
N GLY B 513 -6.33 -8.75 9.85
CA GLY B 513 -7.76 -8.61 9.95
C GLY B 513 -8.18 -7.16 9.74
N GLU B 514 -7.97 -6.63 8.54
CA GLU B 514 -8.44 -5.29 8.24
C GLU B 514 -9.26 -5.25 6.95
N ASN B 515 -8.88 -6.05 5.96
CA ASN B 515 -9.54 -6.00 4.67
C ASN B 515 -10.85 -6.80 4.66
N LYS B 516 -11.90 -6.25 5.26
CA LYS B 516 -13.16 -6.98 5.34
C LYS B 516 -13.99 -6.78 4.07
N CYS B 517 -14.41 -7.90 3.47
CA CYS B 517 -15.32 -7.93 2.33
C CYS B 517 -14.79 -7.18 1.12
N VAL B 518 -13.51 -6.80 1.14
CA VAL B 518 -12.98 -6.10 -0.04
C VAL B 518 -12.88 -7.09 -1.20
N PRO B 519 -13.32 -6.74 -2.36
CA PRO B 519 -13.49 -7.74 -3.42
C PRO B 519 -12.18 -8.17 -4.05
N ASN B 520 -11.04 -7.84 -3.45
CA ASN B 520 -9.79 -8.38 -3.95
C ASN B 520 -9.40 -9.61 -3.13
N SER B 521 -8.21 -10.13 -3.42
CA SER B 521 -7.80 -11.42 -2.88
C SER B 521 -7.30 -11.33 -1.45
N ASN B 522 -7.62 -10.24 -0.75
CA ASN B 522 -7.17 -10.04 0.62
C ASN B 522 -8.29 -10.26 1.63
N GLU B 523 -9.44 -10.73 1.19
CA GLU B 523 -10.55 -11.07 2.07
C GLU B 523 -10.60 -12.59 2.12
N ARG B 524 -10.00 -13.17 3.16
CA ARG B 524 -9.79 -14.62 3.24
C ARG B 524 -10.97 -15.43 2.72
N TYR B 525 -12.19 -15.03 3.07
CA TYR B 525 -13.40 -15.74 2.64
C TYR B 525 -13.97 -15.22 1.33
N TYR B 526 -13.13 -14.69 0.44
CA TYR B 526 -13.56 -14.22 -0.87
C TYR B 526 -13.21 -15.23 -1.94
N GLY B 527 -13.99 -15.22 -3.02
CA GLY B 527 -13.77 -16.16 -4.09
C GLY B 527 -14.16 -17.57 -3.71
N TYR B 528 -14.23 -18.47 -4.69
CA TYR B 528 -14.74 -19.81 -4.48
C TYR B 528 -14.25 -20.45 -3.19
N THR B 529 -12.93 -20.64 -3.12
CA THR B 529 -12.37 -21.21 -1.90
C THR B 529 -12.61 -20.33 -0.70
N GLY B 530 -12.95 -19.07 -0.88
CA GLY B 530 -13.20 -18.22 0.26
C GLY B 530 -14.49 -18.51 1.01
N ALA B 531 -15.62 -18.44 0.29
CA ALA B 531 -16.87 -18.91 0.87
C ALA B 531 -16.72 -20.33 1.37
N PHE B 532 -16.07 -21.18 0.58
CA PHE B 532 -15.92 -22.55 1.02
C PHE B 532 -15.00 -22.69 2.21
N ARG B 533 -14.29 -21.65 2.58
CA ARG B 533 -13.65 -21.63 3.89
C ARG B 533 -14.65 -21.24 4.95
N CYS B 534 -15.33 -20.12 4.74
CA CYS B 534 -16.33 -19.61 5.68
C CYS B 534 -17.30 -20.68 6.18
N LEU B 535 -17.78 -21.52 5.28
CA LEU B 535 -18.59 -22.64 5.73
C LEU B 535 -17.80 -23.62 6.59
N ALA B 536 -16.78 -24.27 6.00
CA ALA B 536 -16.14 -25.39 6.68
C ALA B 536 -15.62 -25.00 8.04
N GLU B 537 -15.21 -23.76 8.21
CA GLU B 537 -14.84 -23.28 9.53
C GLU B 537 -16.04 -23.13 10.46
N ASN B 538 -17.25 -23.48 10.00
CA ASN B 538 -18.46 -23.56 10.82
C ASN B 538 -18.79 -22.21 11.48
N ALA B 539 -19.13 -21.26 10.63
CA ALA B 539 -19.77 -20.03 11.04
C ALA B 539 -21.05 -19.72 10.27
N GLY B 540 -21.23 -20.26 9.06
CA GLY B 540 -22.51 -20.22 8.39
C GLY B 540 -22.89 -21.61 7.91
N ASP B 541 -24.16 -21.77 7.55
CA ASP B 541 -24.67 -23.10 7.25
C ASP B 541 -24.62 -23.44 5.76
N VAL B 542 -25.35 -22.72 4.93
CA VAL B 542 -25.42 -23.05 3.52
C VAL B 542 -24.39 -22.21 2.78
N ALA B 543 -23.62 -22.85 1.92
CA ALA B 543 -22.73 -22.15 1.02
C ALA B 543 -23.31 -22.25 -0.37
N PHE B 544 -23.17 -21.18 -1.15
CA PHE B 544 -23.51 -21.21 -2.58
C PHE B 544 -22.23 -20.95 -3.34
N VAL B 545 -21.69 -21.96 -4.02
CA VAL B 545 -20.43 -21.82 -4.76
C VAL B 545 -20.46 -22.73 -5.98
N LYS B 546 -19.49 -22.53 -6.86
CA LYS B 546 -19.32 -23.46 -7.96
C LYS B 546 -19.08 -24.84 -7.40
N ASP B 547 -19.42 -25.87 -8.18
CA ASP B 547 -19.35 -27.22 -7.65
C ASP B 547 -17.91 -27.66 -7.42
N VAL B 548 -17.05 -27.53 -8.44
CA VAL B 548 -15.73 -28.15 -8.40
C VAL B 548 -14.93 -27.75 -7.17
N THR B 549 -15.28 -26.65 -6.50
CA THR B 549 -14.51 -26.26 -5.32
C THR B 549 -14.68 -27.26 -4.19
N VAL B 550 -15.90 -27.73 -3.94
CA VAL B 550 -16.07 -28.79 -2.96
C VAL B 550 -15.42 -30.07 -3.42
N LEU B 551 -14.99 -30.14 -4.67
CA LEU B 551 -14.20 -31.26 -5.12
C LEU B 551 -12.71 -31.02 -4.93
N GLN B 552 -12.25 -29.77 -5.01
CA GLN B 552 -10.84 -29.45 -4.87
C GLN B 552 -10.51 -28.87 -3.50
N ASN B 553 -11.29 -29.21 -2.49
CA ASN B 553 -10.92 -28.82 -1.13
C ASN B 553 -11.17 -29.96 -0.14
N THR B 554 -11.02 -31.20 -0.60
CA THR B 554 -10.80 -32.38 0.22
C THR B 554 -9.49 -33.01 -0.21
N ASP B 555 -9.04 -34.01 0.57
CA ASP B 555 -7.71 -34.59 0.40
C ASP B 555 -6.61 -33.54 0.52
N GLY B 556 -6.90 -32.44 1.22
CA GLY B 556 -5.93 -31.35 1.31
C GLY B 556 -5.56 -30.75 -0.02
N ASN B 557 -6.50 -30.68 -0.96
CA ASN B 557 -6.17 -30.16 -2.28
C ASN B 557 -5.71 -28.71 -2.23
N ASN B 558 -6.17 -27.95 -1.25
CA ASN B 558 -5.37 -26.87 -0.70
C ASN B 558 -4.62 -27.52 0.45
N ASN B 559 -3.30 -27.67 0.30
CA ASN B 559 -2.53 -28.39 1.28
C ASN B 559 -2.19 -27.55 2.48
N GLU B 560 -2.89 -26.45 2.64
CA GLU B 560 -2.69 -25.58 3.79
C GLU B 560 -3.49 -26.14 4.97
N ALA B 561 -3.63 -25.35 6.02
CA ALA B 561 -4.33 -25.74 7.22
C ALA B 561 -5.80 -26.09 6.97
N TRP B 562 -6.59 -25.12 6.54
CA TRP B 562 -8.04 -25.28 6.60
C TRP B 562 -8.57 -26.35 5.67
N ALA B 563 -7.84 -26.69 4.61
CA ALA B 563 -8.36 -27.64 3.64
C ALA B 563 -7.71 -29.00 3.76
N LYS B 564 -6.87 -29.20 4.75
CA LYS B 564 -6.43 -30.54 5.12
C LYS B 564 -7.43 -31.09 6.13
N ASP B 565 -7.45 -32.42 6.26
CA ASP B 565 -8.24 -33.12 7.26
C ASP B 565 -9.71 -33.20 6.88
N LEU B 566 -10.11 -32.62 5.74
CA LEU B 566 -11.51 -32.62 5.34
C LEU B 566 -11.82 -33.71 4.33
N LYS B 567 -13.05 -34.23 4.38
CA LYS B 567 -13.51 -35.29 3.51
C LYS B 567 -14.72 -34.83 2.71
N LEU B 568 -14.86 -35.38 1.49
CA LEU B 568 -15.99 -35.02 0.64
C LEU B 568 -17.27 -35.73 1.03
N ALA B 569 -17.18 -36.76 1.86
CA ALA B 569 -18.35 -37.42 2.41
C ALA B 569 -18.89 -36.70 3.62
N ASP B 570 -18.54 -35.42 3.77
CA ASP B 570 -18.96 -34.62 4.91
C ASP B 570 -19.89 -33.48 4.54
N PHE B 571 -20.14 -33.25 3.26
CA PHE B 571 -21.07 -32.23 2.81
C PHE B 571 -21.91 -32.81 1.68
N ALA B 572 -23.16 -32.33 1.60
CA ALA B 572 -24.06 -32.72 0.53
C ALA B 572 -24.82 -31.48 0.08
N LEU B 573 -25.51 -31.59 -1.06
CA LEU B 573 -26.04 -30.41 -1.71
C LEU B 573 -27.44 -30.06 -1.21
N LEU B 574 -27.94 -28.91 -1.66
CA LEU B 574 -29.32 -28.52 -1.52
C LEU B 574 -30.04 -28.80 -2.82
N CYS B 575 -31.32 -28.43 -2.89
CA CYS B 575 -32.06 -28.64 -4.11
C CYS B 575 -33.13 -27.56 -4.17
N LEU B 576 -34.13 -27.75 -5.02
CA LEU B 576 -35.28 -26.85 -5.01
C LEU B 576 -36.50 -27.45 -4.31
N ASP B 577 -36.48 -28.76 -4.06
CA ASP B 577 -37.55 -29.41 -3.33
C ASP B 577 -37.26 -29.43 -1.83
N GLY B 578 -36.09 -29.93 -1.45
CA GLY B 578 -35.73 -30.07 -0.06
C GLY B 578 -34.88 -31.28 0.25
N LYS B 579 -34.70 -32.15 -0.74
CA LYS B 579 -33.84 -33.32 -0.56
C LYS B 579 -32.38 -32.89 -0.44
N ARG B 580 -31.49 -33.87 -0.24
CA ARG B 580 -30.06 -33.62 -0.14
C ARG B 580 -29.33 -34.86 -0.63
N LYS B 581 -28.85 -34.82 -1.85
CA LYS B 581 -28.19 -35.95 -2.49
C LYS B 581 -26.67 -35.81 -2.32
N PRO B 582 -25.89 -36.81 -2.76
CA PRO B 582 -24.44 -36.71 -2.63
C PRO B 582 -23.80 -35.93 -3.77
N VAL B 583 -22.77 -35.16 -3.40
CA VAL B 583 -22.24 -34.10 -4.26
C VAL B 583 -21.71 -34.63 -5.59
N THR B 584 -21.28 -35.89 -5.65
CA THR B 584 -20.50 -36.37 -6.79
C THR B 584 -21.22 -36.27 -8.13
N GLU B 585 -22.52 -35.97 -8.12
CA GLU B 585 -23.30 -35.96 -9.34
C GLU B 585 -24.18 -34.71 -9.41
N ALA B 586 -23.59 -33.54 -9.18
CA ALA B 586 -24.34 -32.28 -9.13
C ALA B 586 -25.01 -31.97 -10.46
N ARG B 587 -24.83 -32.85 -11.43
CA ARG B 587 -25.55 -32.80 -12.70
C ARG B 587 -27.03 -33.10 -12.53
N SER B 588 -27.51 -33.32 -11.30
CA SER B 588 -28.87 -33.77 -11.12
C SER B 588 -29.68 -32.87 -10.19
N CYS B 589 -29.06 -32.34 -9.15
CA CYS B 589 -29.78 -31.63 -8.09
C CYS B 589 -29.01 -30.40 -7.65
N HIS B 590 -28.41 -29.71 -8.61
CA HIS B 590 -27.62 -28.53 -8.31
C HIS B 590 -28.54 -27.35 -8.04
N LEU B 591 -28.02 -26.14 -8.04
CA LEU B 591 -28.88 -24.98 -7.90
C LEU B 591 -29.24 -24.33 -9.22
N ALA B 592 -28.30 -24.21 -10.16
CA ALA B 592 -28.67 -23.74 -11.49
C ALA B 592 -27.48 -23.87 -12.42
N MET B 593 -27.64 -23.41 -13.66
CA MET B 593 -26.55 -23.19 -14.58
C MET B 593 -26.19 -21.70 -14.60
N ALA B 594 -24.99 -21.40 -15.09
CA ALA B 594 -24.52 -20.02 -15.15
C ALA B 594 -23.49 -19.91 -16.27
N PRO B 595 -23.23 -18.70 -16.76
CA PRO B 595 -22.24 -18.53 -17.82
C PRO B 595 -20.84 -18.37 -17.24
N ASN B 596 -19.86 -18.40 -18.14
CA ASN B 596 -18.45 -18.45 -17.77
C ASN B 596 -17.99 -17.11 -17.22
N HIS B 597 -16.69 -17.00 -17.05
CA HIS B 597 -16.05 -15.71 -17.03
C HIS B 597 -15.64 -15.44 -18.47
N ALA B 598 -15.04 -14.28 -18.74
CA ALA B 598 -14.64 -13.99 -20.11
C ALA B 598 -13.69 -12.80 -20.10
N VAL B 599 -12.85 -12.73 -21.13
CA VAL B 599 -11.87 -11.66 -21.26
C VAL B 599 -12.54 -10.52 -22.02
N VAL B 600 -12.90 -9.48 -21.29
CA VAL B 600 -13.53 -8.30 -21.87
C VAL B 600 -12.46 -7.34 -22.35
N SER B 601 -12.76 -6.62 -23.43
CA SER B 601 -11.89 -5.57 -23.95
C SER B 601 -12.73 -4.60 -24.76
N ARG B 602 -12.07 -3.78 -25.58
CA ARG B 602 -12.73 -2.77 -26.39
C ARG B 602 -12.77 -3.20 -27.84
N MET B 603 -13.56 -2.46 -28.63
CA MET B 603 -13.58 -2.69 -30.07
C MET B 603 -12.28 -2.21 -30.71
N ASP B 604 -11.63 -1.21 -30.13
CA ASP B 604 -10.23 -0.96 -30.43
C ASP B 604 -9.42 -2.13 -29.91
N LYS B 605 -8.41 -2.53 -30.68
CA LYS B 605 -7.50 -3.58 -30.26
C LYS B 605 -8.28 -4.85 -29.90
N VAL B 606 -8.95 -5.42 -30.90
CA VAL B 606 -9.58 -6.72 -30.75
C VAL B 606 -9.20 -7.70 -31.84
N GLU B 607 -8.65 -7.23 -32.96
CA GLU B 607 -7.91 -8.12 -33.84
C GLU B 607 -6.47 -8.30 -33.38
N ARG B 608 -6.06 -7.53 -32.37
CA ARG B 608 -4.73 -7.61 -31.79
C ARG B 608 -4.67 -8.52 -30.57
N LEU B 609 -5.74 -8.55 -29.76
CA LEU B 609 -5.86 -9.51 -28.68
C LEU B 609 -6.30 -10.87 -29.15
N LYS B 610 -6.21 -11.10 -30.46
CA LYS B 610 -6.18 -12.44 -31.03
C LYS B 610 -4.81 -12.77 -31.58
N GLN B 611 -3.85 -11.87 -31.45
CA GLN B 611 -2.48 -12.11 -31.85
C GLN B 611 -1.53 -12.12 -30.66
N VAL B 612 -1.97 -11.67 -29.50
CA VAL B 612 -1.16 -11.80 -28.29
C VAL B 612 -1.66 -12.98 -27.49
N LEU B 613 -2.88 -12.87 -26.98
CA LEU B 613 -3.35 -13.90 -26.05
C LEU B 613 -3.45 -15.24 -26.73
N LEU B 614 -3.64 -15.25 -28.05
CA LEU B 614 -3.79 -16.53 -28.72
C LEU B 614 -2.46 -17.27 -28.84
N HIS B 615 -1.33 -16.58 -28.83
CA HIS B 615 -0.06 -17.31 -28.89
C HIS B 615 0.96 -16.73 -27.92
N GLN B 616 0.50 -16.34 -26.73
CA GLN B 616 1.36 -16.37 -25.56
C GLN B 616 0.56 -16.82 -24.35
N GLN B 617 -0.49 -17.59 -24.61
CA GLN B 617 -1.10 -18.56 -23.72
C GLN B 617 -1.09 -19.96 -24.29
N ALA B 618 -1.46 -20.13 -25.56
CA ALA B 618 -1.31 -21.43 -26.20
C ALA B 618 0.13 -21.91 -26.20
N LYS B 619 1.08 -20.98 -26.29
CA LYS B 619 2.47 -21.26 -25.98
C LYS B 619 2.84 -20.38 -24.80
N PHE B 620 4.03 -20.62 -24.24
CA PHE B 620 4.49 -19.89 -23.06
C PHE B 620 3.52 -20.05 -21.91
N GLY B 621 2.71 -21.10 -21.95
CA GLY B 621 1.38 -20.98 -21.39
C GLY B 621 0.71 -22.08 -20.62
N ARG B 622 1.40 -22.83 -19.76
CA ARG B 622 0.66 -23.83 -18.98
C ARG B 622 0.08 -24.92 -19.88
N ASN B 623 0.88 -25.96 -20.14
CA ASN B 623 0.61 -27.02 -21.11
C ASN B 623 0.90 -26.66 -22.56
N GLY B 624 2.19 -26.65 -22.90
CA GLY B 624 2.54 -26.80 -24.30
C GLY B 624 3.85 -26.22 -24.82
N SER B 625 4.46 -25.28 -24.14
CA SER B 625 5.82 -24.98 -24.58
C SER B 625 6.81 -24.88 -23.44
N ASP B 626 6.43 -24.25 -22.33
CA ASP B 626 7.25 -24.18 -21.14
C ASP B 626 6.31 -24.00 -19.94
N CYS B 627 6.83 -23.41 -18.87
CA CYS B 627 6.15 -23.22 -17.58
C CYS B 627 5.89 -24.53 -16.87
N PRO B 628 6.96 -25.24 -16.50
CA PRO B 628 7.14 -25.63 -15.11
C PRO B 628 8.02 -24.65 -14.35
N ASP B 629 8.59 -23.66 -15.06
CA ASP B 629 9.71 -22.88 -14.57
C ASP B 629 9.60 -21.37 -14.79
N LYS B 630 8.97 -20.93 -15.87
CA LYS B 630 9.06 -19.53 -16.25
C LYS B 630 7.73 -18.78 -16.18
N PHE B 631 6.72 -19.17 -16.97
CA PHE B 631 5.50 -18.37 -17.06
C PHE B 631 4.50 -18.69 -15.95
N CYS B 632 3.89 -19.87 -16.03
CA CYS B 632 2.93 -20.35 -15.04
C CYS B 632 1.89 -19.27 -14.70
N LEU B 633 1.06 -19.05 -15.71
CA LEU B 633 0.09 -17.96 -15.82
C LEU B 633 -1.35 -18.37 -15.45
N PHE B 634 -1.50 -19.48 -14.75
CA PHE B 634 -2.78 -20.14 -14.50
C PHE B 634 -2.66 -20.72 -13.10
N GLN B 635 -3.38 -21.78 -12.79
CA GLN B 635 -3.04 -22.57 -11.62
C GLN B 635 -1.54 -22.80 -11.58
N SER B 636 -0.88 -22.23 -10.57
CA SER B 636 0.57 -22.09 -10.57
C SER B 636 1.06 -22.03 -9.13
N GLU B 637 2.25 -21.45 -8.95
CA GLU B 637 2.65 -20.95 -7.64
C GLU B 637 1.54 -20.11 -7.01
N THR B 638 0.71 -19.48 -7.84
CA THR B 638 -0.41 -18.68 -7.39
C THR B 638 -1.71 -19.40 -7.72
N LYS B 639 -2.75 -19.13 -6.93
CA LYS B 639 -4.03 -19.80 -7.07
C LYS B 639 -5.12 -18.78 -7.38
N ASN B 640 -5.86 -19.01 -8.46
CA ASN B 640 -6.99 -18.20 -8.91
C ASN B 640 -6.70 -16.70 -8.84
N LEU B 641 -5.55 -16.31 -9.38
CA LEU B 641 -5.22 -14.91 -9.60
C LEU B 641 -5.21 -14.64 -11.10
N LEU B 642 -5.82 -13.53 -11.53
CA LEU B 642 -5.64 -13.01 -12.87
C LEU B 642 -6.24 -13.96 -13.91
N PHE B 643 -6.72 -15.09 -13.44
CA PHE B 643 -7.42 -16.13 -14.20
C PHE B 643 -8.14 -16.97 -13.18
N ASN B 644 -8.56 -18.18 -13.54
CA ASN B 644 -9.09 -19.04 -12.51
C ASN B 644 -8.54 -20.44 -12.68
N ASP B 645 -8.31 -21.10 -11.57
CA ASP B 645 -7.49 -22.29 -11.50
C ASP B 645 -8.21 -23.55 -11.96
N ASN B 646 -9.30 -23.40 -12.71
CA ASN B 646 -9.76 -24.44 -13.62
C ASN B 646 -9.69 -24.00 -15.07
N THR B 647 -8.96 -22.92 -15.35
CA THR B 647 -8.87 -22.38 -16.70
C THR B 647 -8.01 -23.27 -17.58
N GLU B 648 -8.51 -24.43 -17.96
CA GLU B 648 -7.67 -25.35 -18.69
C GLU B 648 -7.45 -24.96 -20.14
N CYS B 649 -7.87 -23.76 -20.56
CA CYS B 649 -7.51 -23.23 -21.87
C CYS B 649 -7.96 -21.78 -21.93
N LEU B 650 -7.89 -21.18 -23.11
CA LEU B 650 -8.67 -20.00 -23.43
C LEU B 650 -9.49 -20.28 -24.68
N ALA B 651 -10.55 -19.51 -24.82
CA ALA B 651 -11.75 -19.96 -25.53
C ALA B 651 -11.61 -19.78 -27.02
N ARG B 652 -12.76 -19.91 -27.69
CA ARG B 652 -13.00 -19.41 -29.03
C ARG B 652 -14.47 -18.95 -28.98
N LEU B 653 -14.65 -17.66 -28.69
CA LEU B 653 -15.95 -17.17 -28.24
C LEU B 653 -17.06 -17.46 -29.24
N HIS B 654 -16.74 -17.43 -30.53
CA HIS B 654 -17.66 -17.84 -31.58
C HIS B 654 -18.94 -17.00 -31.58
N GLY B 655 -18.75 -15.72 -31.85
CA GLY B 655 -19.82 -14.86 -32.29
C GLY B 655 -20.54 -14.10 -31.21
N LYS B 656 -20.50 -14.57 -29.96
CA LYS B 656 -21.33 -13.94 -28.94
C LYS B 656 -20.68 -12.65 -28.46
N THR B 657 -20.35 -11.76 -29.40
CA THR B 657 -19.78 -10.49 -29.04
C THR B 657 -20.81 -9.63 -28.33
N THR B 658 -22.01 -9.55 -28.88
CA THR B 658 -23.09 -8.78 -28.26
C THR B 658 -23.61 -9.54 -27.05
N TYR B 659 -23.02 -9.29 -25.87
CA TYR B 659 -23.20 -10.12 -24.67
C TYR B 659 -24.63 -10.61 -24.52
N GLU B 660 -25.60 -9.78 -24.92
CA GLU B 660 -26.97 -10.25 -24.99
C GLU B 660 -27.08 -11.54 -25.81
N LYS B 661 -26.12 -11.81 -26.67
CA LYS B 661 -26.04 -13.08 -27.37
C LYS B 661 -25.15 -14.08 -26.64
N TYR B 662 -24.54 -13.68 -25.53
CA TYR B 662 -23.54 -14.49 -24.84
C TYR B 662 -24.10 -15.00 -23.51
N LEU B 663 -24.59 -14.10 -22.66
CA LEU B 663 -25.09 -14.43 -21.34
C LEU B 663 -26.35 -15.29 -21.37
N GLY B 664 -26.96 -15.44 -22.53
CA GLY B 664 -28.19 -16.18 -22.62
C GLY B 664 -29.37 -15.32 -22.23
N PRO B 665 -30.42 -15.35 -23.03
CA PRO B 665 -31.56 -14.44 -22.81
C PRO B 665 -32.26 -14.63 -21.48
N GLN B 666 -31.94 -15.70 -20.75
CA GLN B 666 -32.58 -15.96 -19.47
C GLN B 666 -31.86 -15.31 -18.30
N TYR B 667 -30.53 -15.38 -18.24
CA TYR B 667 -29.81 -14.70 -17.18
C TYR B 667 -29.84 -13.19 -17.32
N VAL B 668 -29.80 -12.67 -18.54
CA VAL B 668 -30.00 -11.23 -18.70
C VAL B 668 -31.36 -10.85 -18.13
N ALA B 669 -32.37 -11.68 -18.34
CA ALA B 669 -33.67 -11.44 -17.74
C ALA B 669 -33.58 -11.45 -16.22
N GLY B 670 -32.90 -12.46 -15.68
CA GLY B 670 -32.76 -12.55 -14.23
C GLY B 670 -32.12 -11.31 -13.63
N ILE B 671 -30.97 -10.90 -14.15
CA ILE B 671 -30.25 -9.76 -13.59
C ILE B 671 -30.94 -8.44 -13.91
N THR B 672 -31.77 -8.39 -14.95
CA THR B 672 -32.62 -7.22 -15.09
C THR B 672 -33.75 -7.22 -14.09
N ASN B 673 -34.19 -8.39 -13.63
CA ASN B 673 -35.17 -8.42 -12.56
C ASN B 673 -34.55 -8.05 -11.22
N LEU B 674 -33.30 -8.45 -11.00
CA LEU B 674 -32.56 -8.13 -9.79
C LEU B 674 -32.19 -6.65 -9.73
N LYS B 675 -31.46 -6.16 -10.73
CA LYS B 675 -31.07 -4.75 -10.77
C LYS B 675 -32.26 -3.93 -11.27
N LYS B 676 -33.40 -4.21 -10.65
CA LYS B 676 -34.54 -3.33 -10.62
C LYS B 676 -34.82 -2.89 -9.20
N CYS B 677 -34.16 -3.50 -8.23
CA CYS B 677 -34.15 -3.05 -6.84
C CYS B 677 -32.79 -2.51 -6.41
N SER B 678 -31.72 -2.97 -7.03
CA SER B 678 -30.37 -2.55 -6.70
C SER B 678 -29.72 -1.87 -7.89
N THR B 679 -29.23 -0.65 -7.67
CA THR B 679 -28.48 0.07 -8.69
C THR B 679 -27.04 -0.44 -8.67
N SER B 680 -26.14 0.25 -9.34
CA SER B 680 -24.72 -0.06 -9.29
C SER B 680 -23.95 1.20 -9.64
N PRO B 681 -22.84 1.47 -8.97
CA PRO B 681 -22.10 2.71 -9.25
C PRO B 681 -21.81 2.90 -10.73
N LEU B 682 -21.43 1.83 -11.41
CA LEU B 682 -21.13 1.93 -12.83
C LEU B 682 -22.38 1.99 -13.69
N LEU B 683 -23.19 0.93 -13.69
CA LEU B 683 -24.25 0.74 -14.68
C LEU B 683 -25.06 1.99 -15.00
N GLU B 684 -25.40 2.79 -14.00
CA GLU B 684 -26.22 3.96 -14.29
C GLU B 684 -25.42 5.06 -14.98
N ALA B 685 -24.16 5.27 -14.60
CA ALA B 685 -23.33 6.21 -15.35
C ALA B 685 -23.15 5.75 -16.78
N CYS B 686 -22.95 4.45 -16.98
CA CYS B 686 -22.70 4.00 -18.33
C CYS B 686 -23.97 3.85 -19.15
N GLU B 687 -25.14 3.87 -18.53
CA GLU B 687 -26.37 4.06 -19.27
C GLU B 687 -26.63 5.52 -19.55
N PHE B 688 -26.01 6.42 -18.79
CA PHE B 688 -25.92 7.81 -19.21
C PHE B 688 -25.04 7.94 -20.45
N LEU B 689 -23.97 7.15 -20.52
CA LEU B 689 -23.01 7.22 -21.64
C LEU B 689 -23.46 6.43 -22.85
N ARG B 690 -24.74 6.14 -22.97
CA ARG B 690 -25.30 5.70 -24.25
C ARG B 690 -26.47 6.58 -24.65
N LYS B 691 -26.53 7.80 -24.12
CA LYS B 691 -27.54 8.77 -24.47
C LYS B 691 -26.94 9.89 -25.33
FE FE C . -17.83 -17.54 -11.44
FE FE D . -18.45 22.41 -30.38
C BCT E . -17.94 -16.83 -9.52
O1 BCT E . -16.92 -16.43 -10.19
O2 BCT E . -18.78 -17.65 -10.05
O3 BCT E . -18.11 -16.41 -8.31
C BCT F . -16.05 23.15 -31.49
O1 BCT F . -16.18 24.20 -30.75
O2 BCT F . -15.06 23.08 -32.33
O3 BCT F . -16.90 22.18 -31.39
#